data_8JFW
#
_entry.id   8JFW
#
_cell.length_a   1.00
_cell.length_b   1.00
_cell.length_c   1.00
_cell.angle_alpha   90.00
_cell.angle_beta   90.00
_cell.angle_gamma   90.00
#
_symmetry.space_group_name_H-M   'P 1'
#
loop_
_entity.id
_entity.type
_entity.pdbx_description
1 polymer AT15141p
2 polymer 'Serine/threonine-protein phosphatase rdgC'
3 non-polymer 'FE (III) ION'
4 non-polymer 'ZINC ION'
#
loop_
_entity_poly.entity_id
_entity_poly.type
_entity_poly.pdbx_seq_one_letter_code
_entity_poly.pdbx_strand_id
1 'polypeptide(L)'
;MADQLTEEQIAEFKEAFSLFDKDGDGTITTKELGTVMRSLGQNPTEAELQDMINEVDADGNGTIDFPEFLTMMARKMKDT
DSEEEIREAFRVFDKDGNGFISAAELRHVMTNLGEKLTDEEVDEMIREADIDGDGQVNYEEFVTMMTSK
;
A
2 'polypeptide(L)'
;MDENAIRAAIFIQKWYRRHQARREMQRRCNWQIFQNLEYASEQDQAELYKFFNDLIKHMPQAAGRKNQYQGSAHVSVLDD
KDDLVEEFGDIVNAKIELPIRKNHIDLLIDVFRKKRGNRLHPKYVALILREAAKSLKQLPNISPVSTAVSQQVTVCGDLH
GKLDDLLVVLHKNGLPSSSNPYVFNGDFVDRGKRGLEVLLLLLSLYLAFPNAVFLNRGNHEDSVMNARYGFIREVESKYP
RNHKRILAFIDEVYRWLPLGSVLNSRVLIVHGGFSDSTSLDLIKSIDRGKYVSILRPPLTDGEPLDKTEWQQIFDIMWSD
PQATMGCVPNTLRGAGVWFGPDVTDNFLQRHRLSYVIRSHECKPNGHEFMHDNKIITIFSASNYYAIGSNKGAYIRLNNQ
LMPHFVQYISAASQTKRLSFKQRMGIVESSALKELAVRMRDHRDELEDEFRKYDPKDSGYISISHWCKVMENVTKLGLPW
RLLRDKLAPGTDSQKVNYNRTLDLLDTDVILEAEADGMSVMDALYANKASLVAIFNIIDADNSGEITLDEFETAIDLLVA
HMPGAYSKAEMLEKCRMMDLNGDGKVDLNEFLEAFRLSDLHRKEQQDENIRRRSTGRPSVAKTATDPVTLLADKISKNTL
VVEHDIDPTDCESKVIDPKKS
;
D
#
loop_
_chem_comp.id
_chem_comp.type
_chem_comp.name
_chem_comp.formula
FE non-polymer 'FE (III) ION' 'Fe 3'
ZN non-polymer 'ZINC ION' 'Zn 2'
#
# COMPACT_ATOMS: atom_id res chain seq x y z
N GLN A 4 31.00 25.85 5.01
CA GLN A 4 31.72 24.98 4.10
C GLN A 4 30.81 24.50 2.97
N LEU A 5 29.78 23.75 3.33
CA LEU A 5 28.84 23.23 2.34
C LEU A 5 27.95 24.36 1.82
N THR A 6 27.47 24.16 0.59
CA THR A 6 26.61 25.17 -0.04
C THR A 6 25.27 25.23 0.66
N GLU A 7 24.59 26.38 0.51
CA GLU A 7 23.30 26.58 1.17
C GLU A 7 22.26 25.56 0.71
N GLU A 8 22.33 25.14 -0.56
CA GLU A 8 21.42 24.10 -1.03
C GLU A 8 21.87 22.72 -0.56
N GLN A 9 23.18 22.51 -0.44
CA GLN A 9 23.70 21.19 -0.08
C GLN A 9 23.32 20.81 1.35
N ILE A 10 23.36 21.78 2.28
CA ILE A 10 23.08 21.47 3.67
C ILE A 10 21.64 21.00 3.87
N ALA A 11 20.76 21.28 2.92
CA ALA A 11 19.39 20.78 2.97
C ALA A 11 19.21 19.53 2.12
N GLU A 12 19.86 19.49 0.95
CA GLU A 12 19.75 18.32 0.09
C GLU A 12 20.31 17.07 0.77
N PHE A 13 21.46 17.21 1.45
CA PHE A 13 22.04 16.08 2.15
C PHE A 13 21.14 15.59 3.27
N LYS A 14 20.54 16.53 4.02
CA LYS A 14 19.62 16.14 5.08
C LYS A 14 18.41 15.41 4.54
N GLU A 15 17.87 15.89 3.41
CA GLU A 15 16.73 15.21 2.79
C GLU A 15 17.12 13.82 2.31
N ALA A 16 18.33 13.68 1.75
CA ALA A 16 18.80 12.36 1.32
C ALA A 16 19.20 11.50 2.52
N PHE A 17 19.42 12.12 3.68
CA PHE A 17 19.78 11.35 4.86
C PHE A 17 18.58 10.62 5.45
N SER A 18 17.40 11.25 5.41
CA SER A 18 16.22 10.68 6.06
C SER A 18 15.69 9.45 5.34
N LEU A 19 16.12 9.21 4.10
CA LEU A 19 15.65 8.04 3.36
C LEU A 19 16.25 6.74 3.86
N PHE A 20 17.30 6.80 4.69
CA PHE A 20 17.95 5.60 5.20
C PHE A 20 17.84 5.45 6.71
N ASP A 21 17.31 6.44 7.42
CA ASP A 21 17.21 6.39 8.88
C ASP A 21 16.01 5.54 9.26
N LYS A 22 16.26 4.48 10.04
CA LYS A 22 15.17 3.61 10.46
C LYS A 22 14.33 4.23 11.57
N ASP A 23 14.96 4.95 12.50
CA ASP A 23 14.26 5.51 13.65
C ASP A 23 14.00 7.00 13.52
N GLY A 24 14.53 7.66 12.51
CA GLY A 24 14.32 9.09 12.35
C GLY A 24 15.08 9.97 13.31
N ASP A 25 16.08 9.43 14.01
CA ASP A 25 16.85 10.19 14.98
C ASP A 25 18.07 10.87 14.37
N GLY A 26 18.24 10.79 13.06
CA GLY A 26 19.40 11.37 12.41
C GLY A 26 20.64 10.50 12.43
N THR A 27 20.55 9.27 12.95
CA THR A 27 21.67 8.36 13.01
C THR A 27 21.33 7.09 12.23
N ILE A 28 22.26 6.65 11.38
CA ILE A 28 22.06 5.46 10.56
C ILE A 28 23.19 4.48 10.84
N THR A 29 22.94 3.22 10.47
CA THR A 29 23.96 2.19 10.62
C THR A 29 25.15 2.47 9.70
N THR A 30 26.34 2.10 10.17
CA THR A 30 27.56 2.39 9.42
C THR A 30 27.70 1.52 8.17
N LYS A 31 27.00 0.39 8.11
CA LYS A 31 27.14 -0.50 6.96
C LYS A 31 26.58 0.11 5.68
N GLU A 32 25.71 1.11 5.78
CA GLU A 32 25.13 1.77 4.61
C GLU A 32 25.87 3.04 4.20
N LEU A 33 27.01 3.32 4.83
CA LEU A 33 27.76 4.53 4.47
C LEU A 33 28.19 4.50 3.01
N GLY A 34 28.63 3.33 2.53
CA GLY A 34 29.04 3.17 1.15
C GLY A 34 27.92 3.32 0.14
N THR A 35 26.67 3.37 0.60
CA THR A 35 25.55 3.64 -0.29
C THR A 35 25.16 5.11 -0.29
N VAL A 36 25.00 5.70 0.89
CA VAL A 36 24.63 7.11 0.97
C VAL A 36 25.73 7.99 0.40
N MET A 37 27.00 7.69 0.72
CA MET A 37 28.09 8.51 0.20
C MET A 37 28.24 8.35 -1.31
N ARG A 38 28.03 7.13 -1.82
CA ARG A 38 28.09 6.92 -3.26
C ARG A 38 26.96 7.64 -3.99
N SER A 39 25.76 7.66 -3.39
CA SER A 39 24.60 8.20 -4.08
C SER A 39 24.71 9.69 -4.37
N LEU A 40 25.60 10.41 -3.67
CA LEU A 40 25.77 11.84 -3.88
C LEU A 40 26.97 12.17 -4.78
N GLY A 41 27.28 11.32 -5.74
CA GLY A 41 28.30 11.61 -6.73
C GLY A 41 29.71 11.17 -6.37
N GLN A 42 29.94 10.64 -5.18
CA GLN A 42 31.27 10.19 -4.81
C GLN A 42 31.45 8.71 -5.15
N ASN A 43 32.70 8.34 -5.43
CA ASN A 43 33.05 6.95 -5.77
C ASN A 43 34.30 6.48 -5.03
N PRO A 44 34.21 6.31 -3.70
CA PRO A 44 35.33 5.70 -2.98
C PRO A 44 35.21 4.20 -2.91
N THR A 45 36.36 3.53 -2.80
CA THR A 45 36.38 2.09 -2.64
C THR A 45 36.16 1.69 -1.18
N GLU A 46 35.98 0.40 -0.96
CA GLU A 46 35.76 -0.08 0.40
C GLU A 46 36.99 0.11 1.28
N ALA A 47 38.18 0.15 0.67
CA ALA A 47 39.37 0.50 1.43
C ALA A 47 39.30 1.94 1.93
N GLU A 48 38.85 2.86 1.07
CA GLU A 48 38.64 4.23 1.50
C GLU A 48 37.56 4.30 2.56
N LEU A 49 36.51 3.48 2.43
CA LEU A 49 35.46 3.44 3.44
C LEU A 49 36.02 2.98 4.79
N GLN A 50 36.87 1.96 4.78
CA GLN A 50 37.46 1.48 6.02
C GLN A 50 38.37 2.54 6.64
N ASP A 51 39.18 3.20 5.81
CA ASP A 51 40.05 4.26 6.31
C ASP A 51 39.22 5.41 6.90
N MET A 52 38.08 5.71 6.27
CA MET A 52 37.25 6.81 6.72
C MET A 52 36.49 6.46 8.00
N ILE A 53 36.13 5.18 8.16
CA ILE A 53 35.38 4.78 9.35
C ILE A 53 36.32 4.59 10.53
N ASN A 54 37.58 4.23 10.28
CA ASN A 54 38.53 4.11 11.38
C ASN A 54 38.79 5.45 12.05
N GLU A 55 38.86 6.53 11.27
CA GLU A 55 39.11 7.85 11.82
C GLU A 55 37.86 8.48 12.44
N VAL A 56 36.68 7.91 12.23
CA VAL A 56 35.45 8.48 12.74
C VAL A 56 34.79 7.60 13.81
N ASP A 57 35.14 6.32 13.92
CA ASP A 57 34.57 5.44 14.92
C ASP A 57 35.69 4.92 15.81
N ALA A 58 35.47 4.97 17.12
CA ALA A 58 36.47 4.55 18.10
C ALA A 58 35.98 3.43 19.01
N ASP A 59 34.73 3.48 19.45
CA ASP A 59 34.18 2.45 20.34
C ASP A 59 33.48 1.33 19.58
N GLY A 60 33.44 1.40 18.25
CA GLY A 60 32.73 0.38 17.48
C GLY A 60 31.24 0.41 17.69
N ASN A 61 30.66 1.61 17.87
CA ASN A 61 29.22 1.71 18.08
C ASN A 61 28.44 1.41 16.81
N GLY A 62 28.98 1.74 15.65
CA GLY A 62 28.27 1.52 14.40
C GLY A 62 27.19 2.54 14.11
N THR A 63 27.23 3.71 14.72
CA THR A 63 26.25 4.76 14.49
C THR A 63 26.95 6.04 14.10
N ILE A 64 26.37 6.75 13.13
CA ILE A 64 26.91 8.00 12.62
C ILE A 64 25.76 8.97 12.45
N ASP A 65 25.91 10.20 12.94
CA ASP A 65 24.88 11.22 12.83
C ASP A 65 25.27 12.25 11.77
N PHE A 66 24.41 13.25 11.62
CA PHE A 66 24.51 14.17 10.49
C PHE A 66 25.81 14.99 10.47
N PRO A 67 26.26 15.63 11.55
CA PRO A 67 27.43 16.52 11.43
C PRO A 67 28.69 15.82 10.96
N GLU A 68 28.99 14.63 11.48
CA GLU A 68 30.20 13.95 11.03
C GLU A 68 30.08 13.49 9.58
N PHE A 69 28.87 13.11 9.14
CA PHE A 69 28.67 12.82 7.73
C PHE A 69 28.92 14.04 6.87
N LEU A 70 28.47 15.21 7.33
CA LEU A 70 28.70 16.44 6.58
C LEU A 70 30.19 16.74 6.47
N THR A 71 30.91 16.60 7.58
CA THR A 71 32.35 16.83 7.55
C THR A 71 33.06 15.83 6.64
N MET A 72 32.64 14.56 6.70
CA MET A 72 33.24 13.53 5.86
C MET A 72 33.01 13.84 4.38
N MET A 73 31.79 14.23 4.02
CA MET A 73 31.51 14.54 2.63
C MET A 73 32.26 15.79 2.18
N ALA A 74 32.38 16.79 3.06
CA ALA A 74 33.16 17.98 2.71
C ALA A 74 34.62 17.62 2.46
N ARG A 75 35.18 16.73 3.28
CA ARG A 75 36.56 16.29 3.05
C ARG A 75 36.68 15.52 1.74
N LYS A 76 35.71 14.66 1.44
CA LYS A 76 35.82 13.80 0.27
C LYS A 76 35.57 14.55 -1.04
N MET A 77 34.73 15.58 -1.01
CA MET A 77 34.33 16.29 -2.22
C MET A 77 35.49 16.99 -2.92
N LYS A 78 36.61 17.21 -2.23
CA LYS A 78 37.72 17.96 -2.79
C LYS A 78 38.33 17.32 -4.03
N ASP A 79 38.09 16.03 -4.27
CA ASP A 79 38.59 15.36 -5.46
C ASP A 79 37.43 14.69 -6.19
N THR A 80 37.47 14.73 -7.52
CA THR A 80 36.41 14.16 -8.34
C THR A 80 36.99 13.73 -9.68
N ASP A 81 36.25 12.86 -10.36
CA ASP A 81 36.64 12.32 -11.65
C ASP A 81 35.50 12.47 -12.65
N SER A 82 35.85 12.55 -13.92
CA SER A 82 34.86 12.67 -14.99
C SER A 82 34.55 11.29 -15.57
N GLU A 83 33.61 11.27 -16.53
CA GLU A 83 33.18 10.01 -17.13
C GLU A 83 34.07 9.59 -18.29
N GLU A 84 35.01 10.44 -18.72
CA GLU A 84 35.87 10.10 -19.84
C GLU A 84 36.85 8.99 -19.46
N GLU A 85 37.36 9.00 -18.23
CA GLU A 85 38.35 8.01 -17.80
C GLU A 85 37.79 6.61 -17.70
N ILE A 86 36.46 6.44 -17.77
CA ILE A 86 35.89 5.10 -17.77
C ILE A 86 36.22 4.35 -19.05
N ARG A 87 36.25 5.05 -20.18
CA ARG A 87 36.42 4.38 -21.47
C ARG A 87 37.76 3.67 -21.56
N GLU A 88 38.85 4.33 -21.10
CA GLU A 88 40.17 3.72 -21.22
C GLU A 88 40.28 2.46 -20.37
N ALA A 89 39.57 2.40 -19.24
CA ALA A 89 39.61 1.21 -18.41
C ALA A 89 39.09 -0.01 -19.17
N PHE A 90 38.02 0.17 -19.96
CA PHE A 90 37.54 -0.92 -20.80
C PHE A 90 38.44 -1.12 -22.02
N ARG A 91 39.06 -0.05 -22.52
CA ARG A 91 39.94 -0.17 -23.69
C ARG A 91 41.14 -1.06 -23.38
N VAL A 92 41.76 -0.88 -22.21
CA VAL A 92 42.92 -1.71 -21.87
C VAL A 92 42.54 -3.16 -21.62
N PHE A 93 41.25 -3.47 -21.49
CA PHE A 93 40.82 -4.85 -21.31
C PHE A 93 40.56 -5.57 -22.63
N ASP A 94 40.66 -4.87 -23.76
CA ASP A 94 40.48 -5.50 -25.07
C ASP A 94 41.86 -5.81 -25.63
N LYS A 95 42.18 -7.10 -25.72
CA LYS A 95 43.54 -7.50 -26.11
C LYS A 95 43.80 -7.33 -27.60
N ASP A 96 42.75 -7.23 -28.42
CA ASP A 96 42.93 -7.10 -29.87
C ASP A 96 42.09 -5.97 -30.47
N GLY A 97 41.51 -5.10 -29.64
CA GLY A 97 40.75 -3.99 -30.17
C GLY A 97 39.45 -4.36 -30.87
N ASN A 98 38.90 -5.53 -30.57
CA ASN A 98 37.65 -5.94 -31.20
C ASN A 98 36.47 -5.12 -30.70
N GLY A 99 36.47 -4.74 -29.42
CA GLY A 99 35.36 -4.03 -28.83
C GLY A 99 34.20 -4.89 -28.41
N PHE A 100 34.34 -6.22 -28.47
CA PHE A 100 33.25 -7.13 -28.17
C PHE A 100 33.68 -8.13 -27.10
N ILE A 101 34.24 -7.63 -26.01
CA ILE A 101 34.79 -8.48 -24.97
C ILE A 101 33.72 -9.44 -24.46
N SER A 102 34.09 -10.72 -24.36
CA SER A 102 33.14 -11.73 -23.94
C SER A 102 32.93 -11.69 -22.43
N ALA A 103 31.86 -12.36 -21.99
CA ALA A 103 31.45 -12.28 -20.59
C ALA A 103 32.34 -13.10 -19.66
N ALA A 104 32.98 -14.16 -20.16
CA ALA A 104 33.72 -15.07 -19.29
C ALA A 104 34.89 -14.35 -18.61
N GLU A 105 35.75 -13.71 -19.40
CA GLU A 105 36.89 -13.03 -18.81
C GLU A 105 36.47 -11.77 -18.05
N LEU A 106 35.39 -11.12 -18.50
CA LEU A 106 34.88 -9.96 -17.76
C LEU A 106 34.44 -10.34 -16.37
N ARG A 107 33.75 -11.48 -16.23
CA ARG A 107 33.41 -11.99 -14.90
C ARG A 107 34.65 -12.42 -14.14
N HIS A 108 35.60 -13.04 -14.84
CA HIS A 108 36.78 -13.59 -14.17
C HIS A 108 37.65 -12.50 -13.56
N VAL A 109 37.83 -11.38 -14.26
CA VAL A 109 38.85 -10.42 -13.85
C VAL A 109 38.46 -9.74 -12.54
N MET A 110 37.29 -9.11 -12.50
CA MET A 110 36.93 -8.27 -11.36
C MET A 110 36.29 -9.04 -10.21
N THR A 111 36.05 -10.34 -10.37
CA THR A 111 35.70 -11.19 -9.24
C THR A 111 36.92 -11.75 -8.52
N ASN A 112 38.11 -11.59 -9.10
CA ASN A 112 39.36 -12.04 -8.48
C ASN A 112 40.39 -10.93 -8.34
N LEU A 113 40.53 -10.06 -9.33
CA LEU A 113 41.52 -9.01 -9.30
C LEU A 113 40.95 -7.77 -8.62
N GLY A 114 41.85 -6.84 -8.27
CA GLY A 114 41.43 -5.61 -7.62
C GLY A 114 40.75 -5.91 -6.29
N GLU A 115 39.60 -5.28 -6.08
CA GLU A 115 38.79 -5.49 -4.89
C GLU A 115 37.53 -6.24 -5.33
N LYS A 116 37.47 -7.52 -5.01
CA LYS A 116 36.44 -8.40 -5.55
C LYS A 116 35.06 -8.00 -5.06
N LEU A 117 34.08 -8.09 -5.96
CA LEU A 117 32.69 -7.89 -5.59
C LEU A 117 32.04 -9.22 -5.21
N THR A 118 30.81 -9.16 -4.72
CA THR A 118 30.06 -10.37 -4.42
C THR A 118 29.44 -10.93 -5.69
N ASP A 119 28.74 -12.06 -5.53
CA ASP A 119 28.15 -12.73 -6.70
C ASP A 119 26.97 -11.94 -7.25
N GLU A 120 26.20 -11.29 -6.37
CA GLU A 120 24.99 -10.59 -6.82
C GLU A 120 25.32 -9.43 -7.76
N GLU A 121 26.38 -8.68 -7.44
CA GLU A 121 26.74 -7.53 -8.28
C GLU A 121 27.09 -7.95 -9.70
N VAL A 122 27.95 -8.96 -9.84
CA VAL A 122 28.33 -9.41 -11.18
C VAL A 122 27.14 -10.09 -11.87
N ASP A 123 26.32 -10.81 -11.11
CA ASP A 123 25.12 -11.39 -11.69
C ASP A 123 24.27 -10.31 -12.35
N GLU A 124 23.97 -9.24 -11.63
CA GLU A 124 23.19 -8.14 -12.20
C GLU A 124 23.93 -7.48 -13.35
N MET A 125 25.24 -7.32 -13.23
CA MET A 125 26.00 -6.56 -14.24
C MET A 125 26.02 -7.29 -15.58
N ILE A 126 26.37 -8.57 -15.58
CA ILE A 126 26.43 -9.32 -16.83
C ILE A 126 25.06 -9.92 -17.13
N ARG A 127 24.06 -9.58 -16.31
CA ARG A 127 22.69 -9.81 -16.74
C ARG A 127 22.17 -8.64 -17.58
N GLU A 128 22.49 -7.42 -17.15
CA GLU A 128 22.07 -6.25 -17.91
C GLU A 128 22.92 -6.08 -19.17
N ALA A 129 24.23 -6.31 -19.06
CA ALA A 129 25.14 -6.03 -20.18
C ALA A 129 25.00 -7.07 -21.29
N ASP A 130 24.93 -8.36 -20.93
CA ASP A 130 24.89 -9.43 -21.92
C ASP A 130 23.45 -9.66 -22.37
N ILE A 131 22.94 -8.70 -23.14
CA ILE A 131 21.59 -8.81 -23.69
C ILE A 131 21.53 -9.96 -24.68
N ASP A 132 22.51 -10.05 -25.57
CA ASP A 132 22.55 -11.12 -26.55
C ASP A 132 22.98 -12.43 -25.91
N GLY A 133 22.57 -13.54 -26.52
CA GLY A 133 22.94 -14.85 -26.06
C GLY A 133 24.29 -15.35 -26.52
N ASP A 134 25.02 -14.55 -27.29
CA ASP A 134 26.33 -14.97 -27.79
C ASP A 134 27.38 -15.04 -26.71
N GLY A 135 27.13 -14.45 -25.55
CA GLY A 135 28.11 -14.44 -24.47
C GLY A 135 29.14 -13.34 -24.53
N GLN A 136 28.99 -12.39 -25.45
CA GLN A 136 29.91 -11.27 -25.59
C GLN A 136 29.18 -9.96 -25.35
N VAL A 137 29.88 -9.01 -24.74
CA VAL A 137 29.31 -7.73 -24.33
C VAL A 137 30.04 -6.60 -25.06
N ASN A 138 29.28 -5.72 -25.69
CA ASN A 138 29.85 -4.53 -26.32
C ASN A 138 30.01 -3.45 -25.25
N TYR A 139 31.25 -3.10 -24.93
CA TYR A 139 31.50 -2.17 -23.84
C TYR A 139 31.04 -0.75 -24.17
N GLU A 140 31.15 -0.34 -25.44
CA GLU A 140 30.84 1.04 -25.80
C GLU A 140 29.37 1.34 -25.56
N GLU A 141 28.47 0.50 -26.07
CA GLU A 141 27.05 0.71 -25.85
C GLU A 141 26.69 0.60 -24.38
N PHE A 142 27.33 -0.32 -23.65
CA PHE A 142 27.09 -0.45 -22.22
C PHE A 142 27.39 0.86 -21.50
N VAL A 143 28.58 1.41 -21.73
CA VAL A 143 28.96 2.65 -21.06
C VAL A 143 28.05 3.80 -21.48
N THR A 144 27.75 3.90 -22.78
CA THR A 144 26.92 5.01 -23.23
C THR A 144 25.52 4.95 -22.64
N MET A 145 24.93 3.75 -22.57
CA MET A 145 23.56 3.64 -22.06
C MET A 145 23.51 3.77 -20.54
N MET A 146 24.52 3.30 -19.82
CA MET A 146 24.51 3.43 -18.37
C MET A 146 24.85 4.84 -17.91
N THR A 147 25.78 5.52 -18.60
CA THR A 147 26.16 6.87 -18.20
C THR A 147 25.05 7.88 -18.42
N SER A 148 24.30 7.76 -19.51
CA SER A 148 23.23 8.71 -19.83
C SER A 148 22.09 8.62 -18.82
N MET B 1 49.14 -10.34 -16.02
CA MET B 1 48.59 -9.43 -15.02
C MET B 1 49.55 -8.30 -14.70
N ASP B 2 49.02 -7.09 -14.55
CA ASP B 2 49.84 -5.93 -14.25
C ASP B 2 49.02 -4.95 -13.42
N GLU B 3 49.69 -3.88 -12.97
CA GLU B 3 49.02 -2.89 -12.12
C GLU B 3 47.98 -2.09 -12.89
N ASN B 4 48.18 -1.91 -14.19
CA ASN B 4 47.22 -1.19 -15.01
C ASN B 4 45.87 -1.91 -15.04
N ALA B 5 45.90 -3.24 -15.15
CA ALA B 5 44.65 -4.00 -15.09
C ALA B 5 43.96 -3.83 -13.76
N ILE B 6 44.73 -3.80 -12.67
CA ILE B 6 44.15 -3.59 -11.34
C ILE B 6 43.49 -2.21 -11.27
N ARG B 7 44.17 -1.20 -11.80
CA ARG B 7 43.61 0.15 -11.78
C ARG B 7 42.31 0.23 -12.57
N ALA B 8 42.30 -0.38 -13.77
CA ALA B 8 41.09 -0.37 -14.58
C ALA B 8 39.96 -1.11 -13.88
N ALA B 9 40.26 -2.26 -13.27
CA ALA B 9 39.24 -3.04 -12.59
C ALA B 9 38.65 -2.27 -11.42
N ILE B 10 39.50 -1.64 -10.60
CA ILE B 10 38.98 -0.92 -9.45
C ILE B 10 38.20 0.32 -9.89
N PHE B 11 38.63 0.99 -10.96
CA PHE B 11 37.86 2.13 -11.46
C PHE B 11 36.48 1.71 -11.93
N ILE B 12 36.40 0.65 -12.73
CA ILE B 12 35.11 0.17 -13.21
C ILE B 12 34.24 -0.29 -12.04
N GLN B 13 34.87 -0.93 -11.05
CA GLN B 13 34.13 -1.42 -9.90
C GLN B 13 33.53 -0.26 -9.10
N LYS B 14 34.32 0.80 -8.90
CA LYS B 14 33.82 1.99 -8.21
C LYS B 14 32.64 2.59 -8.97
N TRP B 15 32.77 2.70 -10.29
CA TRP B 15 31.70 3.30 -11.10
C TRP B 15 30.43 2.46 -11.01
N TYR B 16 30.55 1.14 -11.11
CA TYR B 16 29.38 0.28 -11.05
C TYR B 16 28.71 0.35 -9.68
N ARG B 17 29.52 0.36 -8.60
CA ARG B 17 28.93 0.46 -7.27
C ARG B 17 28.22 1.79 -7.07
N ARG B 18 28.80 2.88 -7.59
CA ARG B 18 28.14 4.17 -7.51
C ARG B 18 26.78 4.15 -8.21
N HIS B 19 26.74 3.57 -9.40
CA HIS B 19 25.47 3.51 -10.13
C HIS B 19 24.45 2.63 -9.40
N GLN B 20 24.91 1.52 -8.81
CA GLN B 20 24.01 0.67 -8.04
C GLN B 20 23.43 1.42 -6.85
N ALA B 21 24.26 2.20 -6.16
CA ALA B 21 23.77 2.99 -5.03
C ALA B 21 22.75 4.03 -5.50
N ARG B 22 23.01 4.65 -6.66
CA ARG B 22 22.04 5.61 -7.20
C ARG B 22 20.70 4.95 -7.47
N ARG B 23 20.72 3.76 -8.08
CA ARG B 23 19.48 3.04 -8.34
C ARG B 23 18.77 2.67 -7.05
N GLU B 24 19.52 2.28 -6.02
CA GLU B 24 18.91 1.96 -4.73
C GLU B 24 18.22 3.18 -4.13
N MET B 25 18.86 4.34 -4.21
CA MET B 25 18.25 5.57 -3.71
C MET B 25 16.97 5.88 -4.47
N GLN B 26 17.00 5.70 -5.79
CA GLN B 26 15.78 5.92 -6.59
C GLN B 26 14.65 4.99 -6.16
N ARG B 27 14.98 3.72 -5.91
CA ARG B 27 13.98 2.76 -5.45
C ARG B 27 13.37 3.21 -4.13
N ARG B 28 14.22 3.64 -3.19
CA ARG B 28 13.71 4.07 -1.89
C ARG B 28 12.81 5.29 -2.03
N CYS B 29 13.19 6.24 -2.88
CA CYS B 29 12.35 7.43 -3.08
C CYS B 29 10.99 7.05 -3.66
N ASN B 30 10.97 6.14 -4.65
CA ASN B 30 9.70 5.72 -5.24
C ASN B 30 8.83 5.01 -4.22
N TRP B 31 9.43 4.15 -3.39
CA TRP B 31 8.68 3.48 -2.34
C TRP B 31 8.07 4.48 -1.36
N GLN B 32 8.85 5.49 -0.98
CA GLN B 32 8.32 6.52 -0.09
C GLN B 32 7.14 7.25 -0.72
N ILE B 33 7.26 7.58 -2.00
CA ILE B 33 6.16 8.26 -2.69
C ILE B 33 4.90 7.40 -2.67
N PHE B 34 5.03 6.11 -3.00
CA PHE B 34 3.87 5.23 -3.03
C PHE B 34 3.21 5.14 -1.65
N GLN B 35 4.02 4.91 -0.60
CA GLN B 35 3.46 4.75 0.73
C GLN B 35 2.75 6.01 1.20
N ASN B 36 3.38 7.17 0.97
CA ASN B 36 2.76 8.43 1.38
C ASN B 36 1.47 8.69 0.62
N LEU B 37 1.45 8.38 -0.69
CA LEU B 37 0.22 8.57 -1.46
C LEU B 37 -0.91 7.69 -0.95
N GLU B 38 -0.63 6.43 -0.60
CA GLU B 38 -1.68 5.56 -0.07
C GLU B 38 -2.17 6.07 1.29
N TYR B 39 -1.23 6.46 2.16
CA TYR B 39 -1.61 6.90 3.50
C TYR B 39 -2.43 8.18 3.45
N ALA B 40 -2.11 9.08 2.52
CA ALA B 40 -2.85 10.34 2.40
C ALA B 40 -4.31 10.12 2.04
N SER B 41 -4.62 9.09 1.26
CA SER B 41 -6.01 8.80 0.93
C SER B 41 -6.72 8.02 2.03
N GLU B 42 -6.02 7.07 2.67
CA GLU B 42 -6.65 6.36 3.79
C GLU B 42 -6.97 7.30 4.93
N GLN B 43 -6.07 8.25 5.23
CA GLN B 43 -6.33 9.23 6.27
C GLN B 43 -7.57 10.07 5.97
N ASP B 44 -7.72 10.52 4.73
CA ASP B 44 -8.86 11.34 4.38
C ASP B 44 -10.15 10.52 4.47
N GLN B 45 -10.08 9.26 4.05
CA GLN B 45 -11.26 8.40 4.17
C GLN B 45 -11.63 8.12 5.62
N ALA B 46 -10.65 8.13 6.53
CA ALA B 46 -10.92 7.73 7.91
C ALA B 46 -11.59 8.82 8.74
N GLU B 47 -11.74 10.04 8.23
CA GLU B 47 -12.32 11.10 9.05
C GLU B 47 -13.84 10.97 9.19
N LEU B 48 -14.47 10.11 8.39
CA LEU B 48 -15.88 9.83 8.57
C LEU B 48 -16.15 9.21 9.94
N TYR B 49 -15.22 8.40 10.44
CA TYR B 49 -15.36 7.84 11.79
C TYR B 49 -15.38 8.94 12.84
N LYS B 50 -14.46 9.91 12.72
CA LYS B 50 -14.45 11.03 13.67
C LYS B 50 -15.72 11.85 13.56
N PHE B 51 -16.21 12.07 12.33
CA PHE B 51 -17.44 12.83 12.16
C PHE B 51 -18.61 12.15 12.84
N PHE B 52 -18.75 10.83 12.64
CA PHE B 52 -19.84 10.11 13.31
C PHE B 52 -19.66 10.14 14.82
N ASN B 53 -18.44 9.93 15.30
CA ASN B 53 -18.16 9.88 16.73
C ASN B 53 -18.48 11.18 17.44
N ASP B 54 -18.14 12.32 16.85
CA ASP B 54 -18.49 13.60 17.45
C ASP B 54 -19.88 14.11 17.13
N LEU B 55 -20.55 13.57 16.10
CA LEU B 55 -21.96 13.87 15.90
C LEU B 55 -22.82 13.14 16.93
N ILE B 56 -22.39 11.94 17.33
CA ILE B 56 -23.07 11.23 18.40
C ILE B 56 -23.03 12.02 19.70
N LYS B 57 -21.88 12.61 20.03
CA LYS B 57 -21.71 13.38 21.26
C LYS B 57 -22.60 14.63 21.28
N HIS B 58 -22.67 15.37 20.17
CA HIS B 58 -23.42 16.62 20.16
C HIS B 58 -24.92 16.40 20.30
N MET B 59 -25.47 15.48 19.51
CA MET B 59 -26.91 15.22 19.56
C MET B 59 -27.30 14.53 20.86
N PRO B 60 -28.52 14.75 21.34
CA PRO B 60 -28.95 14.10 22.57
C PRO B 60 -28.95 12.58 22.44
N GLN B 61 -28.64 11.92 23.55
CA GLN B 61 -28.59 10.46 23.59
C GLN B 61 -29.97 9.85 23.42
N ASP B 80 -33.79 -17.54 1.20
CA ASP B 80 -34.01 -18.60 0.23
C ASP B 80 -34.93 -18.13 -0.89
N LYS B 81 -35.31 -16.85 -0.84
CA LYS B 81 -36.19 -16.28 -1.85
C LYS B 81 -35.46 -16.19 -3.19
N ASP B 82 -36.18 -16.50 -4.26
CA ASP B 82 -35.61 -16.45 -5.60
C ASP B 82 -35.86 -15.07 -6.21
N ASP B 83 -34.76 -14.38 -6.53
CA ASP B 83 -34.84 -13.03 -7.08
C ASP B 83 -33.91 -12.88 -8.29
N LEU B 84 -32.91 -13.76 -8.39
CA LEU B 84 -31.94 -13.65 -9.47
C LEU B 84 -32.60 -13.88 -10.82
N VAL B 85 -32.13 -13.15 -11.83
CA VAL B 85 -32.68 -13.21 -13.18
C VAL B 85 -31.59 -13.65 -14.15
N GLU B 86 -31.98 -13.92 -15.38
CA GLU B 86 -31.03 -14.32 -16.41
C GLU B 86 -30.06 -13.18 -16.71
N GLU B 87 -28.82 -13.54 -17.02
CA GLU B 87 -27.77 -12.54 -17.18
C GLU B 87 -27.43 -12.34 -18.66
N PHE B 88 -27.31 -11.06 -19.03
CA PHE B 88 -26.93 -10.69 -20.38
C PHE B 88 -25.46 -11.03 -20.65
N GLY B 89 -25.16 -11.38 -21.89
CA GLY B 89 -23.80 -11.66 -22.29
C GLY B 89 -23.43 -13.13 -22.17
N ASP B 90 -22.14 -13.39 -22.39
CA ASP B 90 -21.62 -14.75 -22.33
C ASP B 90 -21.71 -15.26 -20.90
N ILE B 91 -22.08 -16.52 -20.76
CA ILE B 91 -22.27 -17.14 -19.46
C ILE B 91 -21.61 -18.52 -19.47
N VAL B 92 -20.93 -18.84 -18.37
CA VAL B 92 -20.25 -20.12 -18.24
C VAL B 92 -21.20 -21.14 -17.62
N ASN B 93 -21.27 -22.33 -18.21
CA ASN B 93 -22.22 -23.34 -17.81
C ASN B 93 -21.67 -24.27 -16.74
N ALA B 94 -20.73 -23.78 -15.93
CA ALA B 94 -20.17 -24.58 -14.85
C ALA B 94 -21.25 -24.92 -13.83
N LYS B 95 -21.19 -26.13 -13.28
CA LYS B 95 -22.18 -26.62 -12.34
C LYS B 95 -21.56 -26.74 -10.96
N ILE B 96 -22.18 -26.10 -9.98
CA ILE B 96 -21.76 -26.16 -8.59
C ILE B 96 -22.95 -26.65 -7.76
N GLU B 97 -22.74 -27.72 -7.00
CA GLU B 97 -23.79 -28.28 -6.16
C GLU B 97 -23.66 -27.77 -4.73
N LEU B 98 -24.73 -27.94 -3.98
CA LEU B 98 -24.72 -27.48 -2.58
C LEU B 98 -23.67 -28.18 -1.73
N PRO B 99 -23.52 -29.51 -1.76
CA PRO B 99 -22.40 -30.12 -1.02
C PRO B 99 -21.09 -29.91 -1.74
N ILE B 100 -20.24 -29.02 -1.21
CA ILE B 100 -18.99 -28.69 -1.88
C ILE B 100 -17.97 -29.78 -1.63
N ARG B 101 -17.34 -30.25 -2.70
CA ARG B 101 -16.30 -31.27 -2.61
C ARG B 101 -15.03 -30.75 -3.27
N LYS B 102 -13.99 -31.58 -3.28
CA LYS B 102 -12.72 -31.18 -3.84
C LYS B 102 -12.80 -30.92 -5.33
N ASN B 103 -13.57 -31.74 -6.05
CA ASN B 103 -13.65 -31.61 -7.50
C ASN B 103 -14.28 -30.29 -7.92
N HIS B 104 -15.12 -29.69 -7.07
CA HIS B 104 -15.70 -28.39 -7.41
C HIS B 104 -14.63 -27.30 -7.37
N ILE B 105 -13.65 -27.42 -6.47
CA ILE B 105 -12.60 -26.41 -6.36
C ILE B 105 -11.77 -26.35 -7.63
N ASP B 106 -11.42 -27.52 -8.18
CA ASP B 106 -10.65 -27.55 -9.42
C ASP B 106 -11.42 -26.93 -10.57
N LEU B 107 -12.72 -27.24 -10.67
CA LEU B 107 -13.55 -26.64 -11.70
C LEU B 107 -13.62 -25.13 -11.53
N LEU B 108 -13.77 -24.66 -10.29
CA LEU B 108 -13.85 -23.23 -10.04
C LEU B 108 -12.55 -22.54 -10.44
N ILE B 109 -11.42 -23.15 -10.10
CA ILE B 109 -10.12 -22.59 -10.49
C ILE B 109 -10.01 -22.54 -12.01
N ASP B 110 -10.44 -23.61 -12.68
CA ASP B 110 -10.36 -23.65 -14.14
C ASP B 110 -11.21 -22.55 -14.77
N VAL B 111 -12.42 -22.33 -14.25
CA VAL B 111 -13.27 -21.27 -14.77
C VAL B 111 -12.62 -19.90 -14.53
N PHE B 112 -12.10 -19.67 -13.33
CA PHE B 112 -11.52 -18.37 -13.02
C PHE B 112 -10.12 -18.19 -13.60
N ARG B 113 -9.48 -19.26 -14.07
CA ARG B 113 -8.11 -19.14 -14.58
C ARG B 113 -8.06 -18.30 -15.85
N LYS B 114 -9.01 -18.46 -16.75
CA LYS B 114 -8.99 -17.74 -18.02
C LYS B 114 -9.22 -16.25 -17.79
N LYS B 115 -8.56 -15.43 -18.61
CA LYS B 115 -8.71 -13.98 -18.50
C LYS B 115 -10.05 -13.50 -19.07
N ARG B 116 -10.70 -14.31 -19.90
CA ARG B 116 -11.99 -13.96 -20.47
C ARG B 116 -12.92 -15.16 -20.39
N GLY B 117 -14.22 -14.88 -20.42
CA GLY B 117 -15.21 -15.93 -20.29
C GLY B 117 -15.17 -16.62 -18.95
N ASN B 118 -15.11 -15.82 -17.87
CA ASN B 118 -15.05 -16.35 -16.52
C ASN B 118 -16.22 -15.90 -15.65
N ARG B 119 -17.40 -15.68 -16.24
CA ARG B 119 -18.54 -15.20 -15.47
C ARG B 119 -19.46 -16.37 -15.13
N LEU B 120 -19.65 -16.61 -13.83
CA LEU B 120 -20.53 -17.68 -13.38
C LEU B 120 -21.98 -17.23 -13.41
N HIS B 121 -22.88 -18.21 -13.32
CA HIS B 121 -24.30 -17.91 -13.26
C HIS B 121 -24.64 -17.29 -11.89
N PRO B 122 -25.49 -16.28 -11.85
CA PRO B 122 -25.79 -15.62 -10.56
C PRO B 122 -26.36 -16.55 -9.52
N LYS B 123 -27.05 -17.62 -9.94
CA LYS B 123 -27.62 -18.56 -8.97
C LYS B 123 -26.53 -19.21 -8.13
N TYR B 124 -25.43 -19.62 -8.75
CA TYR B 124 -24.36 -20.27 -8.01
C TYR B 124 -23.63 -19.30 -7.09
N VAL B 125 -23.44 -18.06 -7.53
CA VAL B 125 -22.83 -17.05 -6.66
C VAL B 125 -23.70 -16.82 -5.44
N ALA B 126 -25.02 -16.68 -5.66
CA ALA B 126 -25.94 -16.49 -4.54
C ALA B 126 -25.91 -17.69 -3.60
N LEU B 127 -25.88 -18.90 -4.16
CA LEU B 127 -25.84 -20.10 -3.32
C LEU B 127 -24.58 -20.13 -2.47
N ILE B 128 -23.42 -19.84 -3.08
CA ILE B 128 -22.16 -19.88 -2.35
C ILE B 128 -22.16 -18.84 -1.23
N LEU B 129 -22.59 -17.61 -1.55
CA LEU B 129 -22.59 -16.56 -0.55
C LEU B 129 -23.55 -16.88 0.59
N ARG B 130 -24.75 -17.38 0.26
CA ARG B 130 -25.74 -17.69 1.28
C ARG B 130 -25.25 -18.81 2.19
N GLU B 131 -24.68 -19.87 1.61
CA GLU B 131 -24.19 -20.97 2.43
C GLU B 131 -23.02 -20.53 3.31
N ALA B 132 -22.12 -19.71 2.76
CA ALA B 132 -21.00 -19.22 3.57
C ALA B 132 -21.48 -18.34 4.71
N ALA B 133 -22.46 -17.48 4.45
CA ALA B 133 -23.01 -16.63 5.51
C ALA B 133 -23.68 -17.47 6.58
N LYS B 134 -24.42 -18.50 6.17
CA LYS B 134 -25.09 -19.37 7.14
C LYS B 134 -24.08 -20.13 7.99
N SER B 135 -23.00 -20.60 7.39
CA SER B 135 -22.02 -21.41 8.12
C SER B 135 -21.17 -20.56 9.06
N LEU B 136 -20.89 -19.31 8.69
CA LEU B 136 -19.98 -18.50 9.47
C LEU B 136 -20.61 -17.99 10.77
N LYS B 137 -21.93 -18.13 10.91
CA LYS B 137 -22.61 -17.59 12.09
C LYS B 137 -22.24 -18.35 13.35
N GLN B 138 -22.01 -19.66 13.23
CA GLN B 138 -21.75 -20.49 14.42
C GLN B 138 -20.37 -20.28 15.01
N LEU B 139 -19.43 -19.76 14.25
CA LEU B 139 -18.06 -19.64 14.72
C LEU B 139 -17.95 -18.60 15.83
N PRO B 140 -17.05 -18.81 16.79
CA PRO B 140 -16.85 -17.82 17.85
C PRO B 140 -16.07 -16.61 17.34
N ASN B 141 -15.93 -15.63 18.22
CA ASN B 141 -15.25 -14.39 17.84
C ASN B 141 -13.79 -14.63 17.52
N ILE B 142 -13.10 -15.44 18.31
CA ILE B 142 -11.69 -15.76 18.09
C ILE B 142 -11.59 -17.25 17.86
N SER B 143 -11.01 -17.64 16.73
CA SER B 143 -10.99 -19.05 16.34
C SER B 143 -9.72 -19.72 16.87
N PRO B 144 -9.83 -20.76 17.69
CA PRO B 144 -8.64 -21.48 18.16
C PRO B 144 -8.15 -22.46 17.10
N VAL B 145 -6.84 -22.46 16.86
CA VAL B 145 -6.21 -23.33 15.88
C VAL B 145 -5.21 -24.21 16.62
N SER B 146 -5.26 -25.51 16.38
CA SER B 146 -4.38 -26.48 17.02
C SER B 146 -3.51 -27.14 15.97
N THR B 147 -2.19 -27.12 16.17
CA THR B 147 -1.26 -27.74 15.26
C THR B 147 -0.74 -29.08 15.76
N ALA B 148 -1.33 -29.63 16.81
CA ALA B 148 -0.87 -30.91 17.35
C ALA B 148 -1.05 -32.05 16.35
N VAL B 149 -2.18 -32.07 15.64
CA VAL B 149 -2.46 -33.17 14.73
C VAL B 149 -1.80 -32.92 13.37
N SER B 150 -1.97 -31.72 12.82
CA SER B 150 -1.45 -31.42 11.49
C SER B 150 0.06 -31.27 11.46
N GLN B 151 0.68 -30.88 12.57
CA GLN B 151 2.13 -30.70 12.66
C GLN B 151 2.62 -29.63 11.69
N GLN B 152 1.73 -28.76 11.23
CA GLN B 152 2.07 -27.72 10.27
C GLN B 152 0.88 -26.78 10.13
N VAL B 153 1.20 -25.50 9.98
CA VAL B 153 0.18 -24.48 9.75
C VAL B 153 0.79 -23.39 8.87
N THR B 154 -0.03 -22.83 7.99
CA THR B 154 0.39 -21.82 7.02
C THR B 154 -0.42 -20.56 7.20
N VAL B 155 0.26 -19.41 7.16
CA VAL B 155 -0.38 -18.11 7.33
C VAL B 155 -0.07 -17.27 6.10
N CYS B 156 -1.11 -16.67 5.51
CA CYS B 156 -0.96 -15.79 4.37
C CYS B 156 -1.45 -14.39 4.74
N GLY B 157 -0.97 -13.40 3.99
CA GLY B 157 -1.29 -12.01 4.26
C GLY B 157 -2.42 -11.49 3.40
N ASP B 158 -2.38 -10.18 3.13
CA ASP B 158 -3.38 -9.55 2.28
C ASP B 158 -3.27 -10.08 0.86
N LEU B 159 -4.43 -10.26 0.22
CA LEU B 159 -4.47 -10.68 -1.17
C LEU B 159 -4.96 -9.59 -2.10
N HIS B 160 -5.96 -8.80 -1.71
CA HIS B 160 -6.40 -7.62 -2.44
C HIS B 160 -6.73 -7.92 -3.90
N GLY B 161 -7.42 -9.03 -4.13
CA GLY B 161 -7.85 -9.36 -5.48
C GLY B 161 -6.81 -9.98 -6.37
N LYS B 162 -5.62 -10.28 -5.85
CA LYS B 162 -4.56 -10.91 -6.63
C LYS B 162 -4.82 -12.42 -6.69
N LEU B 163 -5.69 -12.80 -7.63
CA LEU B 163 -6.07 -14.21 -7.77
C LEU B 163 -4.86 -15.06 -8.17
N ASP B 164 -4.00 -14.53 -9.04
CA ASP B 164 -2.83 -15.29 -9.47
C ASP B 164 -1.90 -15.58 -8.30
N ASP B 165 -1.75 -14.64 -7.36
CA ASP B 165 -0.94 -14.91 -6.18
C ASP B 165 -1.53 -16.03 -5.32
N LEU B 166 -2.85 -16.04 -5.14
CA LEU B 166 -3.49 -17.11 -4.38
C LEU B 166 -3.29 -18.45 -5.07
N LEU B 167 -3.44 -18.48 -6.41
CA LEU B 167 -3.24 -19.73 -7.14
C LEU B 167 -1.78 -20.19 -7.06
N VAL B 168 -0.83 -19.26 -7.08
CA VAL B 168 0.58 -19.62 -6.93
C VAL B 168 0.81 -20.23 -5.55
N VAL B 169 0.25 -19.61 -4.51
CA VAL B 169 0.41 -20.15 -3.15
C VAL B 169 -0.17 -21.54 -3.07
N LEU B 170 -1.38 -21.73 -3.63
CA LEU B 170 -2.01 -23.04 -3.58
C LEU B 170 -1.20 -24.09 -4.32
N HIS B 171 -0.68 -23.74 -5.50
CA HIS B 171 0.11 -24.68 -6.28
C HIS B 171 1.40 -25.05 -5.57
N LYS B 172 2.06 -24.07 -4.95
CA LYS B 172 3.35 -24.34 -4.32
C LYS B 172 3.18 -25.10 -3.01
N ASN B 173 2.11 -24.82 -2.26
CA ASN B 173 1.94 -25.40 -0.94
C ASN B 173 0.86 -26.46 -0.86
N GLY B 174 0.14 -26.71 -1.95
CA GLY B 174 -0.91 -27.72 -1.95
C GLY B 174 -2.24 -27.18 -1.45
N LEU B 175 -3.30 -27.90 -1.79
CA LEU B 175 -4.64 -27.51 -1.37
C LEU B 175 -4.78 -27.69 0.14
N PRO B 176 -5.59 -26.85 0.79
CA PRO B 176 -5.81 -27.01 2.24
C PRO B 176 -6.44 -28.34 2.56
N SER B 177 -6.05 -28.90 3.70
CA SER B 177 -6.57 -30.20 4.16
C SER B 177 -6.27 -30.31 5.65
N SER B 178 -6.69 -31.43 6.23
CA SER B 178 -6.50 -31.65 7.66
C SER B 178 -5.03 -31.71 8.03
N SER B 179 -4.14 -32.04 7.09
CA SER B 179 -2.71 -32.06 7.34
C SER B 179 -2.00 -30.81 6.81
N ASN B 180 -2.75 -29.80 6.38
CA ASN B 180 -2.15 -28.58 5.84
C ASN B 180 -3.13 -27.42 5.96
N PRO B 181 -3.42 -26.93 7.16
CA PRO B 181 -4.40 -25.85 7.30
C PRO B 181 -3.87 -24.52 6.82
N TYR B 182 -4.78 -23.55 6.71
CA TYR B 182 -4.48 -22.21 6.23
C TYR B 182 -5.13 -21.18 7.14
N VAL B 183 -4.53 -19.99 7.21
CA VAL B 183 -5.09 -18.86 7.94
C VAL B 183 -4.89 -17.62 7.09
N PHE B 184 -5.97 -17.14 6.47
CA PHE B 184 -5.93 -15.96 5.61
C PHE B 184 -6.24 -14.72 6.44
N ASN B 185 -5.29 -13.78 6.47
CA ASN B 185 -5.32 -12.67 7.42
C ASN B 185 -5.96 -11.41 6.82
N GLY B 186 -7.18 -11.53 6.30
CA GLY B 186 -7.96 -10.35 5.95
C GLY B 186 -7.55 -9.70 4.64
N ASP B 187 -8.30 -8.65 4.29
CA ASP B 187 -8.10 -7.88 3.07
C ASP B 187 -8.16 -8.78 1.83
N PHE B 188 -9.33 -9.38 1.63
CA PHE B 188 -9.48 -10.33 0.53
C PHE B 188 -9.78 -9.63 -0.79
N VAL B 189 -10.13 -8.34 -0.77
CA VAL B 189 -10.87 -7.77 -1.89
C VAL B 189 -10.59 -6.27 -1.99
N ASP B 190 -11.01 -5.66 -3.11
CA ASP B 190 -11.24 -4.23 -3.34
C ASP B 190 -9.99 -3.41 -3.68
N ARG B 191 -8.87 -4.07 -3.98
CA ARG B 191 -7.72 -3.32 -4.47
C ARG B 191 -7.31 -3.73 -5.88
N GLY B 192 -7.45 -5.01 -6.22
CA GLY B 192 -7.10 -5.51 -7.53
C GLY B 192 -8.27 -5.46 -8.50
N LYS B 193 -8.03 -5.97 -9.70
CA LYS B 193 -9.04 -5.99 -10.74
C LYS B 193 -9.86 -7.28 -10.74
N ARG B 194 -9.55 -8.24 -9.87
CA ARG B 194 -10.22 -9.54 -9.86
C ARG B 194 -10.59 -9.91 -8.42
N GLY B 195 -11.20 -8.95 -7.72
CA GLY B 195 -11.54 -9.12 -6.31
C GLY B 195 -12.61 -10.17 -6.02
N LEU B 196 -13.66 -10.22 -6.84
CA LEU B 196 -14.77 -11.13 -6.57
C LEU B 196 -14.31 -12.59 -6.63
N GLU B 197 -13.44 -12.92 -7.58
CA GLU B 197 -12.99 -14.29 -7.72
C GLU B 197 -12.24 -14.77 -6.49
N VAL B 198 -11.41 -13.91 -5.89
CA VAL B 198 -10.68 -14.31 -4.69
C VAL B 198 -11.64 -14.62 -3.55
N LEU B 199 -12.65 -13.77 -3.36
CA LEU B 199 -13.62 -13.99 -2.29
C LEU B 199 -14.39 -15.28 -2.52
N LEU B 200 -14.85 -15.51 -3.75
CA LEU B 200 -15.61 -16.71 -4.05
C LEU B 200 -14.75 -17.97 -3.85
N LEU B 201 -13.51 -17.93 -4.31
CA LEU B 201 -12.63 -19.08 -4.15
C LEU B 201 -12.32 -19.36 -2.68
N LEU B 202 -12.09 -18.31 -1.89
CA LEU B 202 -11.82 -18.50 -0.48
C LEU B 202 -13.03 -19.09 0.25
N LEU B 203 -14.23 -18.58 -0.06
CA LEU B 203 -15.43 -19.11 0.57
C LEU B 203 -15.67 -20.56 0.16
N SER B 204 -15.43 -20.89 -1.11
CA SER B 204 -15.59 -22.27 -1.56
C SER B 204 -14.59 -23.19 -0.86
N LEU B 205 -13.34 -22.74 -0.70
CA LEU B 205 -12.35 -23.55 -0.01
C LEU B 205 -12.72 -23.74 1.46
N TYR B 206 -13.26 -22.69 2.09
CA TYR B 206 -13.71 -22.84 3.48
C TYR B 206 -14.86 -23.83 3.58
N LEU B 207 -15.81 -23.77 2.65
CA LEU B 207 -16.95 -24.68 2.68
C LEU B 207 -16.51 -26.12 2.45
N ALA B 208 -15.61 -26.35 1.49
CA ALA B 208 -15.16 -27.71 1.21
C ALA B 208 -14.32 -28.27 2.36
N PHE B 209 -13.56 -27.41 3.03
CA PHE B 209 -12.71 -27.81 4.15
C PHE B 209 -13.01 -26.94 5.36
N PRO B 210 -14.02 -27.31 6.16
CA PRO B 210 -14.41 -26.46 7.29
C PRO B 210 -13.52 -26.62 8.51
N ASN B 211 -12.75 -27.68 8.60
CA ASN B 211 -11.87 -27.90 9.74
C ASN B 211 -10.42 -27.50 9.46
N ALA B 212 -10.14 -26.89 8.31
CA ALA B 212 -8.76 -26.58 7.95
C ALA B 212 -8.54 -25.21 7.33
N VAL B 213 -9.57 -24.37 7.20
CA VAL B 213 -9.42 -23.02 6.67
C VAL B 213 -10.04 -22.05 7.67
N PHE B 214 -9.27 -21.05 8.08
CA PHE B 214 -9.73 -20.03 9.00
C PHE B 214 -9.56 -18.65 8.37
N LEU B 215 -10.56 -17.80 8.55
CA LEU B 215 -10.58 -16.46 7.98
C LEU B 215 -10.59 -15.43 9.10
N ASN B 216 -9.95 -14.28 8.83
CA ASN B 216 -9.90 -13.17 9.77
C ASN B 216 -10.38 -11.92 9.07
N ARG B 217 -11.18 -11.12 9.78
CA ARG B 217 -11.69 -9.88 9.20
C ARG B 217 -10.59 -8.83 9.10
N GLY B 218 -10.67 -8.01 8.07
CA GLY B 218 -9.67 -6.98 7.84
C GLY B 218 -10.31 -5.61 7.76
N ASN B 219 -9.45 -4.59 7.71
CA ASN B 219 -9.93 -3.22 7.65
C ASN B 219 -10.63 -2.90 6.33
N HIS B 220 -10.34 -3.66 5.28
CA HIS B 220 -10.98 -3.48 3.99
C HIS B 220 -12.24 -4.33 3.83
N GLU B 221 -12.62 -5.07 4.87
CA GLU B 221 -13.88 -5.83 4.86
C GLU B 221 -15.02 -4.92 5.36
N ASP B 222 -15.20 -3.82 4.65
CA ASP B 222 -16.15 -2.80 5.07
C ASP B 222 -16.92 -2.32 3.85
N SER B 223 -18.23 -2.13 4.01
CA SER B 223 -19.04 -1.63 2.90
C SER B 223 -18.66 -0.21 2.52
N VAL B 224 -18.20 0.59 3.48
CA VAL B 224 -17.80 1.96 3.18
C VAL B 224 -16.52 2.00 2.37
N MET B 225 -15.54 1.17 2.72
CA MET B 225 -14.25 1.19 2.03
C MET B 225 -14.35 0.63 0.62
N ASN B 226 -15.27 -0.31 0.39
CA ASN B 226 -15.39 -0.92 -0.93
C ASN B 226 -15.84 0.09 -1.98
N ALA B 227 -16.75 0.99 -1.61
CA ALA B 227 -17.28 1.94 -2.59
C ALA B 227 -16.24 2.96 -3.02
N ARG B 228 -15.12 3.07 -2.29
CA ARG B 228 -14.13 4.08 -2.59
C ARG B 228 -12.92 3.53 -3.33
N TYR B 229 -12.76 2.20 -3.37
CA TYR B 229 -11.59 1.58 -3.98
C TYR B 229 -11.95 0.66 -5.15
N GLY B 230 -13.15 0.83 -5.71
CA GLY B 230 -13.48 0.25 -6.99
C GLY B 230 -14.13 -1.12 -6.97
N PHE B 231 -14.27 -1.75 -5.80
CA PHE B 231 -14.89 -3.07 -5.78
C PHE B 231 -16.35 -3.02 -6.21
N ILE B 232 -17.11 -2.06 -5.69
CA ILE B 232 -18.52 -1.95 -6.04
C ILE B 232 -18.68 -1.68 -7.53
N ARG B 233 -17.78 -0.87 -8.10
CA ARG B 233 -17.81 -0.62 -9.53
C ARG B 233 -17.59 -1.90 -10.32
N GLU B 234 -16.64 -2.73 -9.87
CA GLU B 234 -16.38 -4.00 -10.54
C GLU B 234 -17.59 -4.93 -10.48
N VAL B 235 -18.22 -5.01 -9.30
CA VAL B 235 -19.40 -5.87 -9.16
C VAL B 235 -20.52 -5.37 -10.05
N GLU B 236 -20.75 -4.06 -10.07
CA GLU B 236 -21.80 -3.50 -10.91
C GLU B 236 -21.53 -3.75 -12.40
N SER B 237 -20.28 -3.60 -12.83
CA SER B 237 -19.94 -3.86 -14.23
C SER B 237 -20.10 -5.33 -14.59
N LYS B 238 -19.69 -6.25 -13.71
CA LYS B 238 -19.75 -7.67 -14.04
C LYS B 238 -21.18 -8.19 -14.04
N TYR B 239 -22.01 -7.73 -13.11
CA TYR B 239 -23.40 -8.17 -12.98
C TYR B 239 -24.33 -6.96 -12.94
N PRO B 240 -24.54 -6.30 -14.08
CA PRO B 240 -25.42 -5.11 -14.09
C PRO B 240 -26.84 -5.41 -13.67
N ARG B 241 -27.38 -6.59 -13.99
CA ARG B 241 -28.77 -6.91 -13.71
C ARG B 241 -29.00 -7.48 -12.31
N ASN B 242 -27.94 -7.81 -11.57
CA ASN B 242 -28.08 -8.41 -10.26
C ASN B 242 -27.11 -7.90 -9.22
N HIS B 243 -26.51 -6.71 -9.41
CA HIS B 243 -25.46 -6.26 -8.50
C HIS B 243 -25.99 -5.98 -7.10
N LYS B 244 -27.25 -5.57 -7.01
CA LYS B 244 -27.79 -5.17 -5.70
C LYS B 244 -27.85 -6.33 -4.73
N ARG B 245 -28.43 -7.46 -5.15
CA ARG B 245 -28.56 -8.59 -4.23
C ARG B 245 -27.23 -9.27 -3.96
N ILE B 246 -26.33 -9.29 -4.96
CA ILE B 246 -24.99 -9.82 -4.73
C ILE B 246 -24.25 -8.98 -3.70
N LEU B 247 -24.37 -7.65 -3.81
CA LEU B 247 -23.76 -6.76 -2.84
C LEU B 247 -24.37 -6.97 -1.45
N ALA B 248 -25.69 -7.16 -1.39
CA ALA B 248 -26.33 -7.41 -0.10
C ALA B 248 -25.82 -8.71 0.53
N PHE B 249 -25.69 -9.77 -0.27
CA PHE B 249 -25.17 -11.03 0.26
C PHE B 249 -23.72 -10.87 0.73
N ILE B 250 -22.90 -10.16 -0.04
CA ILE B 250 -21.51 -9.93 0.35
C ILE B 250 -21.45 -9.16 1.66
N ASP B 251 -22.26 -8.10 1.78
CA ASP B 251 -22.32 -7.34 3.01
C ASP B 251 -22.78 -8.18 4.20
N GLU B 252 -23.72 -9.10 3.97
CA GLU B 252 -24.09 -10.06 5.00
C GLU B 252 -22.95 -10.97 5.40
N VAL B 253 -22.13 -11.39 4.44
CA VAL B 253 -21.00 -12.27 4.74
C VAL B 253 -19.98 -11.53 5.62
N TYR B 254 -19.74 -10.25 5.34
CA TYR B 254 -18.77 -9.48 6.10
C TYR B 254 -19.15 -9.40 7.58
N ARG B 255 -20.43 -9.60 7.90
CA ARG B 255 -20.90 -9.40 9.27
C ARG B 255 -20.33 -10.42 10.23
N TRP B 256 -20.13 -11.67 9.79
CA TRP B 256 -19.85 -12.77 10.69
C TRP B 256 -18.40 -13.28 10.64
N LEU B 257 -17.51 -12.61 9.93
CA LEU B 257 -16.13 -13.07 9.85
C LEU B 257 -15.47 -12.93 11.22
N PRO B 258 -14.69 -13.92 11.67
CA PRO B 258 -14.07 -13.83 12.99
C PRO B 258 -13.08 -12.67 13.07
N LEU B 259 -12.94 -12.11 14.27
CA LEU B 259 -12.09 -10.94 14.47
C LEU B 259 -10.62 -11.28 14.65
N GLY B 260 -10.29 -12.55 14.89
CA GLY B 260 -8.91 -12.92 15.09
C GLY B 260 -8.79 -14.42 15.27
N SER B 261 -7.55 -14.87 15.45
CA SER B 261 -7.25 -16.28 15.61
C SER B 261 -6.14 -16.45 16.62
N VAL B 262 -6.23 -17.51 17.43
CA VAL B 262 -5.23 -17.84 18.43
C VAL B 262 -4.63 -19.18 18.07
N LEU B 263 -3.30 -19.23 17.95
CA LEU B 263 -2.58 -20.38 17.43
C LEU B 263 -1.91 -21.11 18.59
N ASN B 264 -2.27 -22.39 18.77
CA ASN B 264 -1.69 -23.25 19.80
C ASN B 264 -1.85 -22.67 21.20
N SER B 265 -2.82 -21.78 21.39
CA SER B 265 -3.03 -21.06 22.65
C SER B 265 -1.78 -20.30 23.09
N ARG B 266 -0.90 -19.99 22.13
CA ARG B 266 0.33 -19.28 22.42
C ARG B 266 0.63 -18.11 21.50
N VAL B 267 0.14 -18.10 20.27
CA VAL B 267 0.42 -17.05 19.30
C VAL B 267 -0.89 -16.48 18.79
N LEU B 268 -1.01 -15.16 18.81
CA LEU B 268 -2.21 -14.46 18.37
C LEU B 268 -2.02 -13.96 16.94
N ILE B 269 -3.02 -14.16 16.10
CA ILE B 269 -3.01 -13.67 14.73
C ILE B 269 -4.16 -12.69 14.56
N VAL B 270 -3.82 -11.42 14.34
CA VAL B 270 -4.80 -10.37 14.11
C VAL B 270 -4.38 -9.62 12.85
N HIS B 271 -5.31 -8.87 12.28
CA HIS B 271 -5.02 -8.17 11.03
C HIS B 271 -4.26 -6.88 11.30
N GLY B 272 -4.82 -5.99 12.11
CA GLY B 272 -4.23 -4.69 12.32
C GLY B 272 -3.19 -4.66 13.42
N GLY B 273 -3.55 -5.14 14.61
CA GLY B 273 -2.66 -5.12 15.74
C GLY B 273 -3.40 -5.10 17.07
N PHE B 274 -3.04 -4.19 17.95
CA PHE B 274 -3.69 -4.10 19.26
C PHE B 274 -3.39 -2.72 19.84
N SER B 275 -3.73 -2.55 21.12
CA SER B 275 -3.48 -1.29 21.82
C SER B 275 -3.30 -1.59 23.30
N ASP B 276 -3.02 -0.54 24.08
CA ASP B 276 -2.78 -0.72 25.50
C ASP B 276 -4.03 -1.15 26.25
N SER B 277 -5.20 -0.71 25.84
CA SER B 277 -6.45 -1.05 26.52
C SER B 277 -7.14 -2.28 25.93
N THR B 278 -6.57 -2.89 24.88
CA THR B 278 -7.19 -4.05 24.26
C THR B 278 -7.08 -5.25 25.19
N SER B 279 -8.22 -5.93 25.40
CA SER B 279 -8.25 -7.12 26.24
C SER B 279 -9.01 -8.21 25.49
N LEU B 280 -8.39 -9.40 25.38
CA LEU B 280 -9.04 -10.50 24.69
C LEU B 280 -10.26 -11.00 25.46
N ASP B 281 -10.30 -10.78 26.78
CA ASP B 281 -11.45 -11.19 27.56
C ASP B 281 -12.68 -10.34 27.26
N LEU B 282 -12.51 -9.24 26.55
CA LEU B 282 -13.63 -8.39 26.15
C LEU B 282 -14.05 -8.63 24.71
N ILE B 283 -13.07 -8.89 23.82
CA ILE B 283 -13.38 -9.14 22.42
C ILE B 283 -14.18 -10.42 22.25
N LYS B 284 -13.90 -11.42 23.07
CA LYS B 284 -14.61 -12.70 22.97
C LYS B 284 -16.08 -12.58 23.35
N SER B 285 -16.49 -11.48 23.98
CA SER B 285 -17.86 -11.28 24.41
C SER B 285 -18.58 -10.21 23.61
N ILE B 286 -17.97 -9.70 22.54
CA ILE B 286 -18.63 -8.70 21.72
C ILE B 286 -19.64 -9.37 20.78
N ASP B 287 -20.82 -8.77 20.67
CA ASP B 287 -21.82 -9.26 19.72
C ASP B 287 -21.35 -8.88 18.32
N ARG B 288 -20.73 -9.85 17.65
CA ARG B 288 -20.10 -9.59 16.36
C ARG B 288 -21.10 -9.19 15.29
N GLY B 289 -22.34 -9.63 15.43
CA GLY B 289 -23.34 -9.39 14.40
C GLY B 289 -23.75 -7.93 14.27
N LYS B 290 -23.54 -7.14 15.31
CA LYS B 290 -23.90 -5.72 15.24
C LYS B 290 -23.08 -4.96 14.21
N TYR B 291 -21.78 -5.24 14.14
CA TYR B 291 -20.86 -4.44 13.35
C TYR B 291 -20.81 -4.92 11.90
N VAL B 292 -21.89 -4.62 11.17
CA VAL B 292 -21.88 -4.87 9.73
C VAL B 292 -20.86 -3.98 9.03
N SER B 293 -20.64 -2.77 9.57
CA SER B 293 -19.61 -1.87 9.08
C SER B 293 -18.83 -1.35 10.27
N ILE B 294 -17.57 -0.97 10.01
CA ILE B 294 -16.66 -0.55 11.07
C ILE B 294 -16.58 0.97 11.16
N LEU B 295 -16.54 1.66 10.02
CA LEU B 295 -16.36 3.10 10.02
C LEU B 295 -17.61 3.86 10.43
N ARG B 296 -18.77 3.22 10.47
CA ARG B 296 -20.02 3.85 10.85
C ARG B 296 -20.67 3.06 11.97
N PRO B 297 -21.51 3.70 12.79
CA PRO B 297 -21.93 3.06 14.04
C PRO B 297 -22.71 1.80 13.78
N PRO B 298 -22.66 0.84 14.71
CA PRO B 298 -23.41 -0.40 14.54
C PRO B 298 -24.90 -0.17 14.68
N LEU B 299 -25.68 -1.08 14.08
CA LEU B 299 -27.15 -1.02 14.13
C LEU B 299 -27.65 -1.78 15.35
N THR B 300 -27.92 -1.03 16.42
CA THR B 300 -28.48 -1.60 17.63
C THR B 300 -30.01 -1.54 17.58
N ASP B 301 -30.63 -2.32 18.46
CA ASP B 301 -32.09 -2.39 18.54
C ASP B 301 -32.64 -1.41 19.56
N GLY B 302 -32.29 -0.14 19.41
CA GLY B 302 -32.69 0.89 20.35
C GLY B 302 -31.84 0.99 21.59
N GLU B 303 -30.99 0.00 21.86
CA GLU B 303 -30.07 0.09 22.98
C GLU B 303 -28.94 1.04 22.62
N PRO B 304 -28.78 2.14 23.36
CA PRO B 304 -27.72 3.10 23.02
C PRO B 304 -26.34 2.46 23.04
N LEU B 305 -25.54 2.78 22.03
CA LEU B 305 -24.31 2.05 21.78
C LEU B 305 -23.25 2.39 22.83
N ASP B 306 -22.24 1.51 22.92
CA ASP B 306 -21.14 1.67 23.86
C ASP B 306 -19.90 2.11 23.07
N LYS B 307 -19.23 3.16 23.56
CA LYS B 307 -18.08 3.68 22.85
C LYS B 307 -16.87 2.77 22.97
N THR B 308 -16.78 2.00 24.06
CA THR B 308 -15.59 1.18 24.30
C THR B 308 -15.46 0.05 23.29
N GLU B 309 -16.53 -0.71 23.08
CA GLU B 309 -16.45 -1.87 22.20
C GLU B 309 -16.12 -1.47 20.76
N TRP B 310 -16.77 -0.41 20.27
CA TRP B 310 -16.46 0.09 18.94
C TRP B 310 -15.00 0.52 18.86
N GLN B 311 -14.52 1.21 19.89
CA GLN B 311 -13.10 1.58 19.93
C GLN B 311 -12.21 0.35 20.01
N GLN B 312 -12.62 -0.69 20.72
CA GLN B 312 -11.84 -1.92 20.76
C GLN B 312 -11.68 -2.51 19.37
N ILE B 313 -12.79 -2.64 18.63
CA ILE B 313 -12.72 -3.23 17.30
C ILE B 313 -11.90 -2.35 16.36
N PHE B 314 -12.09 -1.03 16.45
CA PHE B 314 -11.32 -0.12 15.60
C PHE B 314 -9.83 -0.22 15.88
N ASP B 315 -9.45 -0.28 17.16
CA ASP B 315 -8.04 -0.43 17.51
C ASP B 315 -7.48 -1.75 17.00
N ILE B 316 -8.26 -2.82 17.10
CA ILE B 316 -7.80 -4.13 16.61
C ILE B 316 -7.56 -4.07 15.11
N MET B 317 -8.48 -3.44 14.37
CA MET B 317 -8.41 -3.50 12.92
C MET B 317 -7.42 -2.51 12.31
N TRP B 318 -7.24 -1.34 12.92
CA TRP B 318 -6.55 -0.25 12.24
C TRP B 318 -5.23 0.19 12.87
N SER B 319 -4.75 -0.47 13.92
CA SER B 319 -3.54 -0.01 14.58
C SER B 319 -2.31 -0.31 13.74
N ASP B 320 -1.22 0.40 14.05
CA ASP B 320 0.06 0.26 13.36
C ASP B 320 1.19 0.31 14.38
N PRO B 321 2.30 -0.37 14.11
CA PRO B 321 3.42 -0.34 15.05
C PRO B 321 4.37 0.81 14.78
N GLN B 322 5.09 1.21 15.82
CA GLN B 322 6.07 2.28 15.75
C GLN B 322 7.31 1.90 16.55
N ALA B 323 8.45 2.47 16.16
CA ALA B 323 9.70 2.15 16.82
C ALA B 323 9.81 2.81 18.20
N THR B 324 9.35 4.05 18.31
CA THR B 324 9.51 4.80 19.55
C THR B 324 8.54 4.27 20.61
N MET B 325 8.80 4.66 21.86
CA MET B 325 8.01 4.18 22.98
C MET B 325 6.68 4.94 23.07
N GLY B 326 5.81 4.42 23.94
CA GLY B 326 4.54 5.07 24.20
C GLY B 326 3.47 4.71 23.19
N CYS B 327 2.23 5.03 23.55
CA CYS B 327 1.08 4.81 22.68
C CYS B 327 0.43 6.16 22.37
N VAL B 328 0.45 6.53 21.10
CA VAL B 328 -0.06 7.83 20.65
C VAL B 328 -1.06 7.55 19.52
N PRO B 329 -1.97 8.45 19.19
CA PRO B 329 -2.93 8.15 18.14
C PRO B 329 -2.40 8.32 16.72
N ASN B 330 -2.68 7.32 15.89
CA ASN B 330 -2.01 7.14 14.61
C ASN B 330 -2.51 8.18 13.61
N THR B 331 -1.81 9.33 13.61
CA THR B 331 -2.19 10.43 12.74
C THR B 331 -1.71 10.23 11.31
N LEU B 332 -0.80 9.29 11.08
CA LEU B 332 -0.31 9.06 9.72
C LEU B 332 -1.39 8.44 8.85
N ARG B 333 -2.08 7.42 9.34
CA ARG B 333 -3.16 6.79 8.59
C ARG B 333 -4.52 7.37 8.92
N GLY B 334 -4.59 8.30 9.87
CA GLY B 334 -5.83 8.95 10.23
C GLY B 334 -6.74 8.12 11.12
N ALA B 335 -6.32 6.95 11.54
CA ALA B 335 -7.14 6.08 12.38
C ALA B 335 -6.24 5.10 13.11
N GLY B 336 -6.78 4.51 14.17
CA GLY B 336 -6.03 3.56 14.96
C GLY B 336 -5.00 4.22 15.85
N VAL B 337 -4.18 3.42 16.53
CA VAL B 337 -3.18 3.95 17.44
C VAL B 337 -1.83 3.32 17.12
N TRP B 338 -0.77 4.11 17.29
CA TRP B 338 0.59 3.58 17.23
C TRP B 338 0.94 2.92 18.55
N PHE B 339 1.57 1.74 18.46
CA PHE B 339 1.99 1.01 19.64
C PHE B 339 3.47 0.68 19.53
N GLY B 340 4.22 0.95 20.60
CA GLY B 340 5.64 0.71 20.62
C GLY B 340 6.01 -0.58 21.33
N PRO B 341 7.31 -0.80 21.52
CA PRO B 341 7.75 -2.04 22.20
C PRO B 341 7.26 -2.17 23.63
N ASP B 342 7.09 -1.07 24.36
CA ASP B 342 6.67 -1.16 25.76
C ASP B 342 5.26 -1.72 25.88
N VAL B 343 4.32 -1.16 25.12
CA VAL B 343 2.94 -1.65 25.16
C VAL B 343 2.86 -3.06 24.59
N THR B 344 3.67 -3.37 23.57
CA THR B 344 3.70 -4.74 23.05
C THR B 344 4.11 -5.73 24.12
N ASP B 345 5.18 -5.43 24.85
CA ASP B 345 5.64 -6.31 25.91
C ASP B 345 4.60 -6.42 27.02
N ASN B 346 3.98 -5.31 27.40
CA ASN B 346 2.95 -5.35 28.44
C ASN B 346 1.77 -6.20 28.02
N PHE B 347 1.33 -6.05 26.77
CA PHE B 347 0.20 -6.84 26.25
C PHE B 347 0.55 -8.32 26.22
N LEU B 348 1.74 -8.66 25.75
CA LEU B 348 2.16 -10.06 25.70
C LEU B 348 2.24 -10.67 27.10
N GLN B 349 2.77 -9.91 28.06
CA GLN B 349 2.85 -10.41 29.43
C GLN B 349 1.46 -10.56 30.03
N ARG B 350 0.55 -9.64 29.73
CA ARG B 350 -0.80 -9.70 30.28
C ARG B 350 -1.58 -10.88 29.73
N HIS B 351 -1.46 -11.18 28.44
CA HIS B 351 -2.20 -12.27 27.82
C HIS B 351 -1.40 -13.54 27.67
N ARG B 352 -0.19 -13.61 28.23
CA ARG B 352 0.63 -14.82 28.24
C ARG B 352 0.86 -15.36 26.83
N LEU B 353 1.15 -14.46 25.88
CA LEU B 353 1.41 -14.86 24.50
C LEU B 353 2.90 -14.75 24.19
N SER B 354 3.29 -15.39 23.07
CA SER B 354 4.68 -15.36 22.63
C SER B 354 4.95 -14.22 21.66
N TYR B 355 4.24 -14.16 20.55
CA TYR B 355 4.39 -13.09 19.58
C TYR B 355 3.10 -12.95 18.79
N VAL B 356 2.96 -11.81 18.13
CA VAL B 356 1.76 -11.46 17.39
C VAL B 356 2.10 -11.32 15.91
N ILE B 357 1.33 -12.01 15.07
CA ILE B 357 1.50 -11.93 13.62
C ILE B 357 0.57 -10.85 13.08
N ARG B 358 1.03 -10.13 12.06
CA ARG B 358 0.36 -8.93 11.57
C ARG B 358 0.45 -8.89 10.06
N SER B 359 -0.51 -8.23 9.42
CA SER B 359 -0.55 -8.17 7.98
C SER B 359 -0.96 -6.84 7.38
N HIS B 360 -1.02 -5.76 8.16
CA HIS B 360 -1.62 -4.53 7.67
C HIS B 360 -0.74 -3.82 6.63
N GLU B 361 0.56 -3.72 6.90
CA GLU B 361 1.44 -2.87 6.10
C GLU B 361 2.21 -3.71 5.09
N CYS B 362 2.25 -3.23 3.85
CA CYS B 362 3.06 -3.86 2.81
C CYS B 362 4.54 -3.57 3.05
N LYS B 363 5.37 -4.53 2.65
CA LYS B 363 6.81 -4.43 2.83
C LYS B 363 7.50 -4.74 1.53
N PRO B 364 8.68 -4.14 1.28
CA PRO B 364 9.39 -4.40 0.01
C PRO B 364 9.71 -5.86 -0.21
N ASN B 365 10.10 -6.58 0.85
CA ASN B 365 10.38 -8.01 0.76
C ASN B 365 9.18 -8.87 1.14
N GLY B 366 8.07 -8.26 1.53
CA GLY B 366 6.89 -8.99 1.92
C GLY B 366 6.83 -9.39 3.38
N HIS B 367 7.89 -9.16 4.14
CA HIS B 367 7.90 -9.53 5.55
C HIS B 367 9.00 -8.76 6.28
N GLU B 368 8.75 -8.48 7.55
CA GLU B 368 9.69 -7.74 8.37
C GLU B 368 9.51 -8.14 9.83
N PHE B 369 10.48 -7.74 10.65
CA PHE B 369 10.43 -7.95 12.10
C PHE B 369 10.45 -6.60 12.81
N MET B 370 9.77 -6.53 13.94
CA MET B 370 9.70 -5.30 14.73
C MET B 370 9.61 -5.65 16.21
N HIS B 371 10.06 -4.71 17.03
CA HIS B 371 9.97 -4.79 18.49
C HIS B 371 10.61 -6.06 19.01
N ASP B 372 11.88 -6.27 18.62
CA ASP B 372 12.69 -7.40 19.08
C ASP B 372 11.99 -8.72 18.74
N ASN B 373 11.79 -8.97 17.45
CA ASN B 373 11.24 -10.20 16.90
C ASN B 373 9.91 -10.61 17.55
N LYS B 374 9.14 -9.66 18.07
CA LYS B 374 7.87 -10.03 18.69
C LYS B 374 6.66 -9.62 17.86
N ILE B 375 6.86 -8.84 16.80
CA ILE B 375 5.80 -8.47 15.87
C ILE B 375 6.28 -8.84 14.47
N ILE B 376 5.57 -9.77 13.83
CA ILE B 376 5.92 -10.25 12.50
C ILE B 376 4.89 -9.73 11.52
N THR B 377 5.35 -8.95 10.54
CA THR B 377 4.50 -8.40 9.50
C THR B 377 4.61 -9.29 8.26
N ILE B 378 3.47 -9.62 7.67
CA ILE B 378 3.43 -10.45 6.47
C ILE B 378 2.56 -9.74 5.44
N PHE B 379 2.77 -10.06 4.16
CA PHE B 379 2.05 -9.44 3.07
C PHE B 379 2.15 -10.33 1.84
N SER B 380 1.02 -10.86 1.39
CA SER B 380 1.01 -11.86 0.34
C SER B 380 0.56 -11.33 -1.02
N ALA B 381 0.60 -10.03 -1.24
CA ALA B 381 0.21 -9.46 -2.52
C ALA B 381 1.45 -8.98 -3.27
N SER B 382 1.77 -9.64 -4.37
CA SER B 382 2.90 -9.24 -5.20
C SER B 382 2.47 -8.18 -6.21
N ASN B 383 3.42 -7.30 -6.55
CA ASN B 383 3.14 -6.17 -7.45
C ASN B 383 1.97 -5.34 -6.93
N TYR B 384 2.06 -4.94 -5.66
CA TYR B 384 0.95 -4.25 -5.02
C TYR B 384 0.72 -2.87 -5.64
N TYR B 385 1.78 -2.08 -5.79
CA TYR B 385 1.66 -0.73 -6.32
C TYR B 385 1.74 -0.69 -7.84
N ALA B 386 2.83 -1.21 -8.40
CA ALA B 386 2.99 -1.31 -9.84
C ALA B 386 3.78 -2.57 -10.13
N ILE B 387 4.06 -2.80 -11.41
CA ILE B 387 4.79 -4.00 -11.80
C ILE B 387 6.22 -3.91 -11.29
N GLY B 388 6.56 -4.77 -10.33
CA GLY B 388 7.89 -4.79 -9.75
C GLY B 388 8.05 -4.01 -8.45
N SER B 389 6.95 -3.59 -7.82
CA SER B 389 7.05 -2.80 -6.60
C SER B 389 7.59 -3.62 -5.44
N ASN B 390 7.04 -4.80 -5.21
CA ASN B 390 7.40 -5.59 -4.05
C ASN B 390 7.11 -7.06 -4.29
N LYS B 391 7.68 -7.91 -3.44
CA LYS B 391 7.50 -9.35 -3.55
C LYS B 391 6.58 -9.86 -2.45
N GLY B 392 5.66 -10.74 -2.81
CA GLY B 392 4.79 -11.34 -1.83
C GLY B 392 5.52 -12.33 -0.94
N ALA B 393 4.84 -12.76 0.12
CA ALA B 393 5.43 -13.68 1.07
C ALA B 393 4.34 -14.41 1.85
N TYR B 394 4.71 -15.54 2.43
CA TYR B 394 3.82 -16.28 3.31
C TYR B 394 4.68 -17.07 4.31
N ILE B 395 4.06 -17.44 5.42
CA ILE B 395 4.77 -18.02 6.56
C ILE B 395 4.39 -19.48 6.71
N ARG B 396 5.39 -20.32 6.90
CA ARG B 396 5.20 -21.73 7.26
C ARG B 396 5.71 -21.94 8.68
N LEU B 397 4.84 -22.43 9.55
CA LEU B 397 5.16 -22.65 10.95
C LEU B 397 5.22 -24.14 11.25
N ASN B 398 6.33 -24.58 11.83
CA ASN B 398 6.46 -25.96 12.26
C ASN B 398 5.87 -26.14 13.65
N ASN B 399 5.98 -27.36 14.19
CA ASN B 399 5.41 -27.65 15.51
C ASN B 399 6.01 -26.79 16.61
N GLN B 400 7.24 -26.31 16.43
CA GLN B 400 7.87 -25.42 17.40
C GLN B 400 7.62 -23.94 17.09
N LEU B 401 6.80 -23.66 16.07
CA LEU B 401 6.43 -22.29 15.69
C LEU B 401 7.66 -21.45 15.31
N MET B 402 8.58 -22.04 14.55
CA MET B 402 9.66 -21.26 13.97
C MET B 402 9.27 -20.82 12.57
N PRO B 403 9.16 -19.51 12.32
CA PRO B 403 8.59 -19.05 11.04
C PRO B 403 9.53 -19.17 9.86
N HIS B 404 9.23 -20.08 8.93
CA HIS B 404 9.95 -20.17 7.67
C HIS B 404 9.27 -19.27 6.64
N PHE B 405 10.04 -18.40 6.00
CA PHE B 405 9.50 -17.41 5.09
C PHE B 405 9.79 -17.81 3.64
N VAL B 406 8.78 -17.63 2.78
CA VAL B 406 8.90 -17.89 1.36
C VAL B 406 8.54 -16.61 0.61
N GLN B 407 9.10 -16.46 -0.59
CA GLN B 407 8.86 -15.29 -1.42
C GLN B 407 8.53 -15.72 -2.84
N TYR B 408 7.79 -14.88 -3.56
CA TYR B 408 7.43 -15.17 -4.94
C TYR B 408 7.01 -13.89 -5.63
N ILE B 409 7.23 -13.85 -6.94
CA ILE B 409 6.77 -12.78 -7.81
C ILE B 409 6.02 -13.39 -8.97
N SER B 410 4.82 -12.91 -9.23
CA SER B 410 4.00 -13.43 -10.31
C SER B 410 4.28 -12.68 -11.61
N ALA B 411 3.85 -13.28 -12.73
CA ALA B 411 4.03 -12.71 -14.07
C ALA B 411 5.50 -12.44 -14.39
N ALA B 412 6.34 -13.47 -14.27
CA ALA B 412 7.77 -13.30 -14.53
C ALA B 412 8.06 -13.24 -16.03
N SER B 413 7.22 -13.89 -16.85
CA SER B 413 7.46 -13.92 -18.29
C SER B 413 7.40 -12.52 -18.90
N GLN B 414 6.42 -11.71 -18.51
CA GLN B 414 6.33 -10.35 -19.02
C GLN B 414 7.40 -9.46 -18.40
N THR B 415 7.85 -9.80 -17.19
CA THR B 415 8.88 -8.99 -16.52
C THR B 415 10.24 -9.20 -17.16
N LYS B 416 10.51 -10.41 -17.66
CA LYS B 416 11.83 -10.72 -18.21
C LYS B 416 12.04 -10.18 -19.62
N ARG B 417 11.01 -9.60 -20.25
CA ARG B 417 11.13 -9.06 -21.59
C ARG B 417 11.53 -7.59 -21.61
N LEU B 418 12.15 -7.09 -20.55
CA LEU B 418 12.56 -5.70 -20.47
C LEU B 418 13.96 -5.60 -19.88
N SER B 419 14.64 -4.52 -20.22
CA SER B 419 15.94 -4.24 -19.61
C SER B 419 15.75 -3.69 -18.20
N PHE B 420 16.85 -3.65 -17.44
CA PHE B 420 16.79 -3.17 -16.07
C PHE B 420 16.37 -1.70 -16.03
N LYS B 421 16.90 -0.89 -16.95
CA LYS B 421 16.52 0.51 -17.01
C LYS B 421 15.03 0.68 -17.27
N GLN B 422 14.48 -0.10 -18.20
CA GLN B 422 13.04 -0.04 -18.45
C GLN B 422 12.24 -0.54 -17.25
N ARG B 423 12.76 -1.56 -16.55
CA ARG B 423 12.07 -2.08 -15.38
C ARG B 423 12.01 -1.03 -14.27
N MET B 424 13.03 -0.19 -14.16
CA MET B 424 12.96 0.92 -13.21
C MET B 424 12.08 2.04 -13.75
N GLY B 425 12.12 2.27 -15.06
CA GLY B 425 11.38 3.37 -15.65
C GLY B 425 9.87 3.20 -15.55
N ILE B 426 9.40 1.96 -15.69
CA ILE B 426 7.95 1.74 -15.57
C ILE B 426 7.47 2.09 -14.18
N VAL B 427 8.18 1.66 -13.13
CA VAL B 427 7.80 1.99 -11.77
C VAL B 427 7.89 3.49 -11.54
N GLU B 428 8.95 4.12 -12.04
CA GLU B 428 9.11 5.57 -11.86
C GLU B 428 7.97 6.33 -12.53
N SER B 429 7.60 5.93 -13.75
CA SER B 429 6.51 6.58 -14.46
C SER B 429 5.18 6.38 -13.75
N SER B 430 4.92 5.17 -13.22
CA SER B 430 3.69 4.94 -12.49
C SER B 430 3.63 5.82 -11.24
N ALA B 431 4.74 5.91 -10.50
CA ALA B 431 4.76 6.73 -9.30
C ALA B 431 4.54 8.20 -9.64
N LEU B 432 5.20 8.69 -10.69
CA LEU B 432 5.04 10.09 -11.08
C LEU B 432 3.61 10.37 -11.54
N LYS B 433 3.02 9.45 -12.30
CA LYS B 433 1.64 9.64 -12.75
C LYS B 433 0.68 9.70 -11.57
N GLU B 434 0.84 8.78 -10.61
CA GLU B 434 -0.03 8.79 -9.43
C GLU B 434 0.15 10.08 -8.63
N LEU B 435 1.39 10.51 -8.43
CA LEU B 435 1.64 11.73 -7.67
C LEU B 435 1.05 12.95 -8.36
N ALA B 436 1.17 13.04 -9.67
CA ALA B 436 0.62 14.18 -10.39
C ALA B 436 -0.90 14.15 -10.42
N VAL B 437 -1.48 12.94 -10.47
CA VAL B 437 -2.94 12.83 -10.41
C VAL B 437 -3.45 13.29 -9.05
N ARG B 438 -2.78 12.88 -7.97
CA ARG B 438 -3.18 13.33 -6.64
C ARG B 438 -3.01 14.83 -6.48
N MET B 439 -1.93 15.37 -7.05
CA MET B 439 -1.65 16.79 -6.91
C MET B 439 -2.55 17.66 -7.78
N ARG B 440 -3.33 17.04 -8.67
CA ARG B 440 -4.16 17.80 -9.60
C ARG B 440 -5.24 18.57 -8.87
N ASP B 441 -5.69 18.06 -7.71
CA ASP B 441 -6.80 18.68 -7.00
C ASP B 441 -6.49 20.10 -6.54
N HIS B 442 -5.28 20.34 -6.05
CA HIS B 442 -4.93 21.62 -5.47
C HIS B 442 -4.31 22.59 -6.46
N ARG B 443 -4.65 22.50 -7.74
CA ARG B 443 -3.96 23.29 -8.77
C ARG B 443 -4.15 24.78 -8.52
N ASP B 444 -5.38 25.22 -8.22
CA ASP B 444 -5.64 26.64 -8.07
C ASP B 444 -4.92 27.21 -6.84
N GLU B 445 -5.04 26.56 -5.70
CA GLU B 445 -4.37 27.03 -4.50
C GLU B 445 -2.86 26.98 -4.65
N LEU B 446 -2.34 25.93 -5.29
CA LEU B 446 -0.91 25.83 -5.52
C LEU B 446 -0.41 26.97 -6.40
N GLU B 447 -1.14 27.28 -7.48
CA GLU B 447 -0.76 28.40 -8.35
C GLU B 447 -0.81 29.72 -7.60
N ASP B 448 -1.85 29.91 -6.77
CA ASP B 448 -1.94 31.14 -6.00
C ASP B 448 -0.79 31.27 -5.02
N GLU B 449 -0.41 30.17 -4.37
CA GLU B 449 0.74 30.20 -3.46
C GLU B 449 2.03 30.50 -4.21
N PHE B 450 2.20 29.93 -5.40
CA PHE B 450 3.37 30.25 -6.21
C PHE B 450 3.39 31.73 -6.61
N ARG B 451 2.23 32.27 -6.97
CA ARG B 451 2.16 33.68 -7.34
C ARG B 451 2.49 34.58 -6.17
N LYS B 452 2.04 34.22 -4.97
CA LYS B 452 2.31 35.05 -3.80
C LYS B 452 3.79 35.14 -3.50
N TYR B 453 4.52 34.03 -3.68
CA TYR B 453 5.95 34.00 -3.36
C TYR B 453 6.80 34.68 -4.42
N ASP B 454 6.21 35.17 -5.51
CA ASP B 454 6.93 35.92 -6.52
C ASP B 454 6.44 37.36 -6.49
N PRO B 455 6.94 38.19 -5.57
CA PRO B 455 6.44 39.56 -5.44
C PRO B 455 6.71 40.44 -6.66
N LYS B 456 7.69 40.10 -7.50
CA LYS B 456 8.03 40.90 -8.67
C LYS B 456 7.62 40.23 -9.97
N ASP B 457 6.78 39.19 -9.89
CA ASP B 457 6.25 38.45 -11.04
C ASP B 457 7.32 38.17 -12.09
N SER B 458 8.52 37.83 -11.63
CA SER B 458 9.61 37.52 -12.55
C SER B 458 9.43 36.17 -13.20
N GLY B 459 8.75 35.25 -12.54
CA GLY B 459 8.54 33.90 -13.05
C GLY B 459 9.47 32.86 -12.48
N TYR B 460 10.38 33.23 -11.58
CA TYR B 460 11.32 32.29 -11.00
C TYR B 460 11.38 32.52 -9.50
N ILE B 461 11.36 31.43 -8.74
CA ILE B 461 11.40 31.47 -7.28
C ILE B 461 12.51 30.55 -6.79
N SER B 462 12.93 30.78 -5.55
CA SER B 462 14.05 30.03 -4.98
C SER B 462 13.66 28.59 -4.70
N ILE B 463 14.68 27.74 -4.55
CA ILE B 463 14.46 26.33 -4.29
C ILE B 463 13.77 26.14 -2.94
N SER B 464 14.22 26.88 -1.92
CA SER B 464 13.62 26.75 -0.60
C SER B 464 12.15 27.17 -0.63
N HIS B 465 11.83 28.25 -1.34
CA HIS B 465 10.44 28.67 -1.46
C HIS B 465 9.61 27.63 -2.17
N TRP B 466 10.18 27.01 -3.22
CA TRP B 466 9.46 25.97 -3.95
C TRP B 466 9.15 24.78 -3.04
N CYS B 467 10.15 24.33 -2.28
CA CYS B 467 9.93 23.20 -1.37
C CYS B 467 8.91 23.56 -0.30
N LYS B 468 9.01 24.77 0.25
CA LYS B 468 8.06 25.19 1.29
C LYS B 468 6.64 25.24 0.75
N VAL B 469 6.46 25.79 -0.45
CA VAL B 469 5.12 25.86 -1.04
C VAL B 469 4.57 24.47 -1.28
N MET B 470 5.40 23.57 -1.83
CA MET B 470 4.94 22.22 -2.10
C MET B 470 4.54 21.51 -0.81
N GLU B 471 5.36 21.63 0.23
CA GLU B 471 5.04 20.97 1.50
C GLU B 471 3.79 21.57 2.14
N ASN B 472 3.64 22.89 2.06
CA ASN B 472 2.47 23.54 2.67
C ASN B 472 1.19 23.15 1.94
N VAL B 473 1.24 23.06 0.61
CA VAL B 473 0.03 22.75 -0.15
C VAL B 473 -0.30 21.26 -0.06
N THR B 474 0.60 20.41 -0.52
CA THR B 474 0.32 18.98 -0.59
C THR B 474 0.30 18.31 0.77
N LYS B 475 1.16 18.74 1.70
CA LYS B 475 1.29 18.14 3.03
C LYS B 475 1.55 16.63 2.97
N LEU B 476 2.36 16.19 2.01
CA LEU B 476 2.67 14.77 1.88
C LEU B 476 3.97 14.37 2.57
N GLY B 477 4.84 15.34 2.87
CA GLY B 477 6.10 15.04 3.54
C GLY B 477 7.12 14.33 2.68
N LEU B 478 7.01 14.46 1.36
CA LEU B 478 7.96 13.81 0.47
C LEU B 478 9.27 14.58 0.41
N PRO B 479 10.37 13.90 0.05
CA PRO B 479 11.66 14.60 -0.16
C PRO B 479 11.67 15.38 -1.47
N TRP B 480 11.13 16.60 -1.41
CA TRP B 480 10.86 17.37 -2.62
C TRP B 480 12.13 17.73 -3.36
N ARG B 481 13.22 18.03 -2.64
CA ARG B 481 14.45 18.45 -3.29
C ARG B 481 15.00 17.37 -4.22
N LEU B 482 14.75 16.10 -3.92
CA LEU B 482 15.17 15.03 -4.81
C LEU B 482 14.28 14.95 -6.04
N LEU B 483 13.05 15.46 -5.96
CA LEU B 483 12.12 15.43 -7.08
C LEU B 483 12.15 16.71 -7.92
N ARG B 484 13.07 17.63 -7.63
CA ARG B 484 13.10 18.90 -8.33
C ARG B 484 13.36 18.70 -9.83
N ASP B 485 14.27 17.80 -10.16
CA ASP B 485 14.64 17.57 -11.55
C ASP B 485 13.64 16.70 -12.32
N LYS B 486 12.63 16.14 -11.66
CA LYS B 486 11.62 15.32 -12.34
C LYS B 486 10.27 16.01 -12.44
N LEU B 487 9.81 16.64 -11.37
CA LEU B 487 8.57 17.41 -11.45
C LEU B 487 8.76 18.69 -12.26
N ALA B 488 9.92 19.32 -12.13
CA ALA B 488 10.27 20.53 -12.88
C ALA B 488 11.63 20.31 -13.55
N PRO B 489 11.66 19.59 -14.67
CA PRO B 489 12.94 19.30 -15.32
C PRO B 489 13.58 20.53 -15.91
N GLY B 490 14.89 20.45 -16.15
CA GLY B 490 15.64 21.54 -16.74
C GLY B 490 15.68 22.78 -15.88
N THR B 491 15.97 22.60 -14.58
CA THR B 491 16.04 23.70 -13.64
C THR B 491 17.44 23.78 -13.04
N ASP B 492 17.90 25.01 -12.79
CA ASP B 492 19.23 25.23 -12.26
C ASP B 492 19.27 24.97 -10.76
N SER B 493 20.40 25.32 -10.15
CA SER B 493 20.61 25.00 -8.75
C SER B 493 20.07 26.06 -7.80
N GLN B 494 19.55 27.16 -8.32
CA GLN B 494 19.10 28.26 -7.48
C GLN B 494 17.65 28.68 -7.70
N LYS B 495 17.13 28.59 -8.92
CA LYS B 495 15.78 29.06 -9.20
C LYS B 495 15.03 28.02 -10.01
N VAL B 496 13.73 27.91 -9.76
CA VAL B 496 12.85 26.98 -10.45
C VAL B 496 11.63 27.76 -10.95
N ASN B 497 11.33 27.62 -12.24
CA ASN B 497 10.15 28.27 -12.80
C ASN B 497 8.92 27.42 -12.53
N TYR B 498 7.86 28.06 -12.04
CA TYR B 498 6.64 27.32 -11.72
C TYR B 498 5.79 27.06 -12.96
N ASN B 499 6.11 27.72 -14.08
CA ASN B 499 5.33 27.53 -15.30
C ASN B 499 5.43 26.09 -15.79
N ARG B 500 6.63 25.51 -15.77
CA ARG B 500 6.78 24.12 -16.17
C ARG B 500 6.06 23.18 -15.23
N THR B 501 6.12 23.45 -13.92
CA THR B 501 5.42 22.60 -12.97
C THR B 501 3.92 22.64 -13.21
N LEU B 502 3.35 23.84 -13.35
CA LEU B 502 1.91 23.97 -13.56
C LEU B 502 1.48 23.29 -14.85
N ASP B 503 2.35 23.30 -15.87
CA ASP B 503 2.02 22.63 -17.13
C ASP B 503 1.89 21.12 -16.94
N LEU B 504 2.64 20.56 -16.00
CA LEU B 504 2.62 19.12 -15.79
C LEU B 504 1.25 18.64 -15.33
N LEU B 505 0.63 19.35 -14.38
CA LEU B 505 -0.68 18.95 -13.91
C LEU B 505 -1.78 19.35 -14.88
N ASP B 506 -1.46 20.21 -15.84
CA ASP B 506 -2.44 20.66 -16.83
C ASP B 506 -2.46 19.81 -18.08
N THR B 507 -1.67 18.74 -18.13
CA THR B 507 -1.64 17.88 -19.30
C THR B 507 -2.97 17.13 -19.42
N ASP B 508 -3.41 16.91 -20.66
CA ASP B 508 -4.71 16.28 -20.89
C ASP B 508 -4.76 14.85 -20.35
N VAL B 509 -3.67 14.09 -20.53
CA VAL B 509 -3.66 12.69 -20.09
C VAL B 509 -3.83 12.60 -18.59
N ILE B 510 -3.27 13.56 -17.84
CA ILE B 510 -3.43 13.57 -16.40
C ILE B 510 -4.91 13.77 -16.03
N LEU B 511 -5.59 14.67 -16.75
CA LEU B 511 -7.01 14.87 -16.51
C LEU B 511 -7.81 13.61 -16.83
N GLU B 512 -7.48 12.94 -17.94
CA GLU B 512 -8.17 11.70 -18.29
C GLU B 512 -7.98 10.63 -17.22
N ALA B 513 -6.76 10.50 -16.70
CA ALA B 513 -6.50 9.54 -15.64
C ALA B 513 -7.24 9.90 -14.37
N GLU B 514 -7.28 11.19 -14.02
CA GLU B 514 -7.94 11.63 -12.80
C GLU B 514 -9.46 11.48 -12.92
N ALA B 515 -9.99 11.45 -14.15
CA ALA B 515 -11.42 11.32 -14.32
C ALA B 515 -11.95 10.01 -13.76
N ASP B 516 -11.22 8.91 -13.96
CA ASP B 516 -11.65 7.61 -13.46
C ASP B 516 -11.48 7.46 -11.95
N GLY B 517 -10.64 8.27 -11.33
CA GLY B 517 -10.38 8.15 -9.91
C GLY B 517 -11.52 8.64 -9.04
N MET B 518 -12.10 7.75 -8.25
CA MET B 518 -13.16 8.14 -7.32
C MET B 518 -12.56 8.96 -6.18
N SER B 519 -13.43 9.72 -5.52
CA SER B 519 -13.01 10.61 -4.46
C SER B 519 -13.94 10.47 -3.27
N VAL B 520 -13.67 11.27 -2.24
CA VAL B 520 -14.41 11.26 -0.99
C VAL B 520 -15.78 11.89 -1.28
N MET B 521 -16.72 11.76 -0.33
CA MET B 521 -18.11 12.14 -0.49
C MET B 521 -18.81 11.19 -1.46
N ASP B 522 -19.74 11.71 -2.25
CA ASP B 522 -20.62 10.88 -3.08
C ASP B 522 -21.32 9.83 -2.22
N ALA B 523 -21.82 10.25 -1.06
CA ALA B 523 -22.32 9.30 -0.08
C ALA B 523 -23.49 8.49 -0.61
N LEU B 524 -24.41 9.15 -1.32
CA LEU B 524 -25.57 8.44 -1.84
C LEU B 524 -25.18 7.35 -2.84
N TYR B 525 -24.25 7.63 -3.75
CA TYR B 525 -23.77 6.59 -4.65
C TYR B 525 -22.93 5.56 -3.90
N ALA B 526 -22.19 6.00 -2.89
CA ALA B 526 -21.33 5.08 -2.14
C ALA B 526 -22.15 4.24 -1.16
N ASN B 527 -22.78 4.89 -0.17
CA ASN B 527 -23.54 4.18 0.85
C ASN B 527 -24.74 5.06 1.24
N LYS B 528 -25.91 4.71 0.73
CA LYS B 528 -27.14 5.33 1.22
C LYS B 528 -27.37 4.98 2.68
N ALA B 529 -26.87 3.82 3.11
CA ALA B 529 -26.96 3.45 4.51
C ALA B 529 -26.25 4.44 5.42
N SER B 530 -25.21 5.11 4.91
CA SER B 530 -24.56 6.16 5.69
C SER B 530 -25.51 7.32 5.95
N LEU B 531 -26.23 7.76 4.92
CA LEU B 531 -27.21 8.82 5.12
C LEU B 531 -28.32 8.38 6.06
N VAL B 532 -28.77 7.13 5.93
CA VAL B 532 -29.80 6.62 6.83
C VAL B 532 -29.29 6.60 8.26
N ALA B 533 -28.04 6.18 8.47
CA ALA B 533 -27.47 6.16 9.81
C ALA B 533 -27.37 7.57 10.39
N ILE B 534 -26.92 8.54 9.57
CA ILE B 534 -26.84 9.92 10.05
C ILE B 534 -28.20 10.42 10.47
N PHE B 535 -29.20 10.23 9.62
CA PHE B 535 -30.52 10.82 9.83
C PHE B 535 -31.39 9.99 10.79
N ASN B 536 -30.87 8.85 11.23
CA ASN B 536 -31.49 8.12 12.34
C ASN B 536 -30.79 8.49 13.65
N ILE B 537 -29.50 8.82 13.56
CA ILE B 537 -28.76 9.23 14.74
C ILE B 537 -29.22 10.61 15.21
N ILE B 538 -29.43 11.54 14.28
CA ILE B 538 -29.87 12.88 14.67
C ILE B 538 -31.31 12.92 15.15
N ASP B 539 -32.00 11.80 15.17
CA ASP B 539 -33.39 11.75 15.65
C ASP B 539 -33.42 11.96 17.16
N ALA B 540 -33.82 13.15 17.60
CA ALA B 540 -34.03 13.38 19.02
C ALA B 540 -35.19 12.56 19.56
N ASP B 541 -36.24 12.39 18.77
CA ASP B 541 -37.38 11.55 19.12
C ASP B 541 -37.42 10.33 18.21
N ASN B 542 -38.16 9.30 18.62
CA ASN B 542 -38.21 8.06 17.85
C ASN B 542 -39.29 8.08 16.78
N SER B 543 -40.10 9.14 16.68
CA SER B 543 -41.13 9.20 15.66
C SER B 543 -40.56 9.41 14.25
N GLY B 544 -39.27 9.74 14.12
CA GLY B 544 -38.68 9.91 12.82
C GLY B 544 -38.79 11.31 12.25
N GLU B 545 -39.16 12.30 13.06
CA GLU B 545 -39.30 13.67 12.61
C GLU B 545 -38.13 14.51 13.14
N ILE B 546 -37.62 15.40 12.30
CA ILE B 546 -36.48 16.24 12.64
C ILE B 546 -36.85 17.70 12.41
N THR B 547 -36.10 18.58 13.07
CA THR B 547 -36.31 20.01 12.93
C THR B 547 -35.09 20.69 12.32
N LEU B 548 -35.32 21.81 11.65
CA LEU B 548 -34.29 22.43 10.82
C LEU B 548 -33.08 22.91 11.63
N ASP B 549 -33.26 23.31 12.89
CA ASP B 549 -32.12 23.69 13.69
C ASP B 549 -31.17 22.52 13.90
N GLU B 550 -31.72 21.33 14.16
CA GLU B 550 -30.89 20.13 14.18
C GLU B 550 -30.30 19.85 12.81
N PHE B 551 -31.07 20.10 11.75
CA PHE B 551 -30.56 19.96 10.39
C PHE B 551 -29.39 20.90 10.15
N GLU B 552 -29.54 22.17 10.58
CA GLU B 552 -28.45 23.13 10.44
C GLU B 552 -27.22 22.70 11.23
N THR B 553 -27.41 22.20 12.45
CA THR B 553 -26.28 21.73 13.23
C THR B 553 -25.58 20.56 12.55
N ALA B 554 -26.36 19.64 11.97
CA ALA B 554 -25.77 18.49 11.28
C ALA B 554 -24.95 18.93 10.08
N ILE B 555 -25.48 19.85 9.26
CA ILE B 555 -24.72 20.33 8.10
C ILE B 555 -23.50 21.12 8.55
N ASP B 556 -23.63 21.87 9.65
CA ASP B 556 -22.48 22.60 10.18
C ASP B 556 -21.36 21.65 10.55
N LEU B 557 -21.70 20.58 11.28
CA LEU B 557 -20.70 19.60 11.68
C LEU B 557 -20.13 18.85 10.47
N LEU B 558 -20.98 18.56 9.47
CA LEU B 558 -20.50 17.87 8.28
C LEU B 558 -19.51 18.74 7.51
N VAL B 559 -19.83 20.01 7.31
CA VAL B 559 -18.94 20.90 6.56
C VAL B 559 -17.72 21.26 7.38
N ALA B 560 -17.80 21.10 8.71
CA ALA B 560 -16.63 21.36 9.55
C ALA B 560 -15.52 20.35 9.30
N HIS B 561 -15.86 19.16 8.80
CA HIS B 561 -14.87 18.11 8.59
C HIS B 561 -14.57 17.89 7.11
N MET B 562 -15.59 17.95 6.25
CA MET B 562 -15.40 17.72 4.82
C MET B 562 -15.32 19.06 4.11
N PRO B 563 -14.16 19.42 3.55
CA PRO B 563 -14.02 20.73 2.91
C PRO B 563 -14.95 20.87 1.72
N GLY B 564 -15.54 22.06 1.58
CA GLY B 564 -16.43 22.34 0.46
C GLY B 564 -17.59 21.39 0.33
N ALA B 565 -18.26 21.05 1.43
CA ALA B 565 -19.31 20.05 1.38
C ALA B 565 -20.58 20.62 0.76
N TYR B 566 -21.21 21.58 1.45
CA TYR B 566 -22.45 22.17 0.95
C TYR B 566 -22.43 23.69 1.13
N SER B 567 -21.48 24.18 1.92
CA SER B 567 -21.34 25.61 2.23
C SER B 567 -22.58 26.17 2.92
N LYS B 568 -23.37 25.28 3.52
CA LYS B 568 -24.53 25.64 4.34
C LYS B 568 -25.60 26.37 3.54
N ALA B 569 -25.45 26.43 2.22
CA ALA B 569 -26.37 27.21 1.41
C ALA B 569 -27.29 26.32 0.58
N GLU B 570 -26.72 25.38 -0.17
CA GLU B 570 -27.53 24.53 -1.05
C GLU B 570 -28.48 23.67 -0.24
N MET B 571 -27.99 23.07 0.85
CA MET B 571 -28.85 22.22 1.66
C MET B 571 -29.98 23.01 2.31
N LEU B 572 -29.66 24.18 2.87
CA LEU B 572 -30.69 25.00 3.50
C LEU B 572 -31.72 25.46 2.48
N GLU B 573 -31.27 25.87 1.30
CA GLU B 573 -32.20 26.29 0.25
C GLU B 573 -33.07 25.13 -0.21
N LYS B 574 -32.50 23.93 -0.25
CA LYS B 574 -33.29 22.77 -0.65
C LYS B 574 -34.42 22.48 0.33
N CYS B 575 -34.15 22.56 1.63
CA CYS B 575 -35.21 22.37 2.62
C CYS B 575 -36.26 23.47 2.50
N ARG B 576 -35.83 24.72 2.31
CA ARG B 576 -36.77 25.82 2.14
C ARG B 576 -37.68 25.62 0.93
N MET B 577 -37.19 24.95 -0.10
CA MET B 577 -38.03 24.60 -1.24
C MET B 577 -39.01 23.48 -0.92
N MET B 578 -38.66 22.62 0.05
CA MET B 578 -39.45 21.43 0.36
C MET B 578 -40.32 21.57 1.60
N ASP B 579 -39.95 22.41 2.57
CA ASP B 579 -40.68 22.47 3.83
C ASP B 579 -42.00 23.22 3.68
N LEU B 580 -42.89 22.72 2.84
CA LEU B 580 -44.20 23.34 2.68
C LEU B 580 -45.02 23.26 3.96
N ASN B 581 -44.95 22.14 4.67
CA ASN B 581 -45.64 21.96 5.93
C ASN B 581 -44.69 22.05 7.13
N GLY B 582 -43.53 22.67 6.93
CA GLY B 582 -42.57 22.83 7.99
C GLY B 582 -41.69 21.61 8.21
N ASP B 583 -40.86 21.71 9.23
CA ASP B 583 -39.95 20.62 9.58
C ASP B 583 -40.72 19.39 10.03
N GLY B 584 -40.16 18.22 9.73
CA GLY B 584 -40.81 16.98 10.11
C GLY B 584 -40.06 15.71 9.76
N LYS B 585 -40.80 14.74 9.23
CA LYS B 585 -40.26 13.41 8.99
C LYS B 585 -39.23 13.43 7.86
N VAL B 586 -38.34 12.44 7.87
CA VAL B 586 -37.43 12.21 6.76
C VAL B 586 -38.25 11.69 5.58
N ASP B 587 -38.47 12.54 4.59
CA ASP B 587 -39.48 12.25 3.56
C ASP B 587 -38.94 11.33 2.47
N LEU B 588 -38.37 10.20 2.87
CA LEU B 588 -38.04 9.08 1.98
C LEU B 588 -37.17 9.55 0.81
N ASN B 589 -37.42 9.00 -0.38
CA ASN B 589 -36.55 9.25 -1.53
C ASN B 589 -36.60 10.71 -1.97
N GLU B 590 -37.80 11.29 -2.05
CA GLU B 590 -37.93 12.66 -2.53
C GLU B 590 -37.21 13.66 -1.61
N PHE B 591 -37.00 13.30 -0.35
CA PHE B 591 -36.23 14.15 0.54
C PHE B 591 -34.73 14.05 0.23
N LEU B 592 -34.28 12.87 -0.19
CA LEU B 592 -32.90 12.70 -0.59
C LEU B 592 -32.61 13.32 -1.95
N GLU B 593 -33.65 13.74 -2.68
CA GLU B 593 -33.43 14.48 -3.91
C GLU B 593 -32.68 15.78 -3.66
N ALA B 594 -32.75 16.33 -2.44
CA ALA B 594 -31.91 17.46 -2.09
C ALA B 594 -30.43 17.10 -2.22
N PHE B 595 -30.03 15.98 -1.63
CA PHE B 595 -28.64 15.52 -1.77
C PHE B 595 -28.32 15.21 -3.22
N ARG B 596 -29.26 14.59 -3.94
CA ARG B 596 -29.03 14.25 -5.35
C ARG B 596 -28.71 15.51 -6.16
N LEU B 597 -29.56 16.52 -6.06
CA LEU B 597 -29.37 17.73 -6.86
C LEU B 597 -28.18 18.53 -6.37
N SER B 598 -27.89 18.50 -5.06
CA SER B 598 -26.68 19.16 -4.57
C SER B 598 -25.43 18.52 -5.16
N ASP B 599 -25.36 17.18 -5.19
CA ASP B 599 -24.21 16.51 -5.76
C ASP B 599 -24.09 16.81 -7.25
N LEU B 600 -25.22 16.78 -7.96
CA LEU B 600 -25.20 17.06 -9.39
C LEU B 600 -24.72 18.49 -9.66
N HIS B 601 -25.23 19.45 -8.88
CA HIS B 601 -24.85 20.85 -9.07
C HIS B 601 -23.38 21.06 -8.76
N ARG B 602 -22.87 20.44 -7.68
CA ARG B 602 -21.46 20.58 -7.36
C ARG B 602 -20.58 19.97 -8.43
N LYS B 603 -20.96 18.79 -8.94
CA LYS B 603 -20.18 18.16 -10.00
C LYS B 603 -20.16 19.02 -11.26
N GLU B 604 -21.32 19.56 -11.64
CA GLU B 604 -21.37 20.41 -12.83
C GLU B 604 -20.57 21.70 -12.62
N GLN B 605 -20.64 22.27 -11.42
CA GLN B 605 -19.92 23.51 -11.14
C GLN B 605 -18.41 23.29 -11.22
N GLN B 606 -17.93 22.18 -10.67
CA GLN B 606 -16.49 21.92 -10.74
C GLN B 606 -16.06 21.55 -12.16
N ASP B 607 -16.91 20.81 -12.88
CA ASP B 607 -16.57 20.43 -14.26
C ASP B 607 -16.48 21.66 -15.16
N GLU B 608 -17.42 22.59 -15.00
CA GLU B 608 -17.39 23.80 -15.82
C GLU B 608 -16.14 24.62 -15.54
N ASN B 609 -15.76 24.75 -14.27
CA ASN B 609 -14.55 25.46 -13.91
C ASN B 609 -13.30 24.78 -14.42
N ILE B 610 -13.27 23.45 -14.48
CA ILE B 610 -12.13 22.75 -15.06
C ILE B 610 -12.07 22.96 -16.57
N ARG B 611 -13.21 22.84 -17.25
CA ARG B 611 -13.22 22.91 -18.70
C ARG B 611 -13.10 24.33 -19.23
N ARG B 612 -13.36 25.35 -18.41
CA ARG B 612 -13.35 26.73 -18.89
C ARG B 612 -11.95 27.22 -19.25
N ARG B 613 -10.90 26.49 -18.89
CA ARG B 613 -9.52 26.89 -19.19
C ARG B 613 -9.29 26.94 -20.70
N HIS B 644 -2.50 -11.63 -19.80
CA HIS B 644 -2.45 -13.01 -20.24
C HIS B 644 -3.14 -13.94 -19.24
N ASP B 645 -3.27 -15.21 -19.61
CA ASP B 645 -3.93 -16.17 -18.74
C ASP B 645 -3.08 -16.43 -17.49
N ILE B 646 -3.75 -16.77 -16.39
CA ILE B 646 -3.06 -17.02 -15.13
C ILE B 646 -2.27 -18.31 -15.24
N ASP B 647 -1.00 -18.26 -14.83
CA ASP B 647 -0.12 -19.42 -14.89
C ASP B 647 0.74 -19.48 -13.64
N PRO B 648 0.53 -20.46 -12.75
CA PRO B 648 1.36 -20.55 -11.54
C PRO B 648 2.83 -20.85 -11.83
N THR B 649 3.15 -21.44 -12.98
CA THR B 649 4.54 -21.71 -13.34
C THR B 649 5.27 -20.46 -13.81
N ASP B 650 4.54 -19.38 -14.09
CA ASP B 650 5.16 -18.12 -14.51
C ASP B 650 5.53 -17.28 -13.30
N CYS B 651 6.46 -17.79 -12.47
CA CYS B 651 6.85 -17.10 -11.25
C CYS B 651 8.25 -17.54 -10.84
N GLU B 652 8.87 -16.72 -10.00
CA GLU B 652 10.16 -17.02 -9.39
C GLU B 652 10.00 -17.03 -7.88
N SER B 653 10.68 -17.97 -7.22
CA SER B 653 10.45 -18.19 -5.81
C SER B 653 11.78 -18.31 -5.07
N LYS B 654 11.72 -18.10 -3.76
CA LYS B 654 12.89 -18.23 -2.89
C LYS B 654 12.41 -18.56 -1.49
N VAL B 655 13.17 -19.42 -0.81
CA VAL B 655 12.88 -19.83 0.56
C VAL B 655 13.97 -19.27 1.46
N ILE B 656 13.57 -18.63 2.55
CA ILE B 656 14.50 -17.91 3.43
C ILE B 656 14.45 -18.55 4.80
N ASP B 657 15.62 -18.75 5.40
CA ASP B 657 15.72 -19.25 6.76
C ASP B 657 15.13 -18.22 7.75
N PRO B 658 14.53 -18.69 8.84
CA PRO B 658 13.98 -17.74 9.83
C PRO B 658 15.01 -16.78 10.39
N LYS B 659 16.25 -17.21 10.60
CA LYS B 659 17.28 -16.33 11.13
C LYS B 659 18.13 -15.68 10.06
N LYS B 660 18.09 -16.15 8.82
CA LYS B 660 18.81 -15.51 7.73
C LYS B 660 18.12 -14.26 7.21
N SER B 661 16.88 -14.02 7.63
CA SER B 661 16.13 -12.84 7.20
C SER B 661 16.19 -11.74 8.26
FE FE C . -4.50 -4.51 2.86
ZN ZN D . -5.30 -4.08 5.92
#